data_9VDK
#
_entry.id   9VDK
#
_cell.length_a   1.00
_cell.length_b   1.00
_cell.length_c   1.00
_cell.angle_alpha   90.00
_cell.angle_beta   90.00
_cell.angle_gamma   90.00
#
_symmetry.space_group_name_H-M   'P 1'
#
loop_
_entity.id
_entity.type
_entity.pdbx_description
1 polymer 'Probable phospholipid-transporting ATPase IIA'
2 non-polymer 'MAGNESIUM ION'
3 non-polymer O-[(R)-{[(2R)-2,3-bis(octadecanoyloxy)propyl]oxy}(hydroxy)phosphoryl]-L-serine
4 non-polymer 1,2-DIOLEOYL-SN-GLYCERO-3-PHOSPHOCHOLINE
5 non-polymer CHOLESTEROL
6 water water
#
_entity_poly.entity_id   1
_entity_poly.type   'polypeptide(L)'
_entity_poly.pdbx_seq_one_letter_code
;GGEARPRTVWLGHPEKRDQRYPRNVINNQKYNFFTFLPGVLFNQFKYFFNLYFLLLACSQFVPEMRLGALYTYWVPLGFV
LAVTVIREAVEEIRCYVRDKEVNSQVYSRLTARGTVKVKSSNIQVGDLIIVEKNQRVPADMIFLRTSEKNGSCFLRTDQL
DGETDWKLRLPVACTQRLPTAADLLQIRSYVYAEEPNIDIHNFVGTFTREDSDPPISESLSIENTLWAGTVVASGTVVGV
VLYTGRELRSVMNTSNPRSKIGLFDLEVNCLTKILFGALVVVSLVMVALQHFAGRWYLQIIRFLLLFSNIIPISLRVNLD
MGKIVYSWVIRRDSKIPGTVVRSSTIPEQLGRISYLLT(BFD)KTGTLTQNEMIFKRLHLGTVAYGLDSMDEVQSHIFSI
YTQQSQDPPAQKGPTLTTKVRRTMSSRVHEAVKAIALCHNVTPVYESNGVTDQAEAEKQYEDSCRVYQASSPDEVALVQW
TESVGLTLVGRDQSSMQLRTPGDQILNFTILQIFPFTYESKRMGIIVRDESTGEITFYMKGADVVMAGIVQYNDWLEEEC
GNMAREGLRVLVVAKKSLAEEQYQDFEARYVQAKLSVHDRSLKVATVIESLEMEMELLCLTGVEDQLQADVRPTLETLRN
AGIKVWMLTGDKLETATCTAKNAHLVTRNQDIHVFRLVTNRGEAHLELNAFRRKHDCALVISGDSLEVCLKYYEYEFMEL
ACQCPAVVCCRCAPTQKAQIVRLLQERTGKLTCAVGDGGNDVSMIQESDCGVGVEGKEGKQASLAADFSITQFKHLGRLL
MVHGRNSYKRSAALSQFVIHRSLCISTMQAVFSSVFYFASVPLYQGFLIIGYSTIYTMFPVFSLVLDKDVKSEVAMLYPE
LYKDLLKGRPLSYKTFLIWVLISIYQGSTIMYGALLLFESEFVHIVAISFTSLILTELLMVALTIQTWHWLMTVAELLSL
ACYIASLVFLHEFIDVYFIATLSFLWKVSVITLVSCLPLYVLKYLRRRFSPPSYSKLTS
;
_entity_poly.pdbx_strand_id   A
#
loop_
_chem_comp.id
_chem_comp.type
_chem_comp.name
_chem_comp.formula
CLR non-polymer CHOLESTEROL 'C27 H46 O'
MG non-polymer 'MAGNESIUM ION' 'Mg 2'
P5S non-polymer O-[(R)-{[(2R)-2,3-bis(octadecanoyloxy)propyl]oxy}(hydroxy)phosphoryl]-L-serine 'C42 H82 N O10 P'
PCW non-polymer 1,2-DIOLEOYL-SN-GLYCERO-3-PHOSPHOCHOLINE 'C44 H85 N O8 P 1'
#
# COMPACT_ATOMS: atom_id res chain seq x y z
N GLY A 1 -27.71 1.37 5.51
CA GLY A 1 -28.04 2.17 6.67
C GLY A 1 -28.75 3.46 6.32
N GLY A 2 -29.56 3.96 7.27
CA GLY A 2 -30.29 5.18 7.05
C GLY A 2 -29.41 6.41 7.10
N GLU A 3 -30.01 7.56 6.82
CA GLU A 3 -29.27 8.82 6.84
C GLU A 3 -28.75 9.11 8.24
N ALA A 4 -27.49 9.51 8.31
CA ALA A 4 -26.85 9.77 9.59
C ALA A 4 -27.54 10.92 10.32
N ARG A 5 -27.77 10.73 11.61
CA ARG A 5 -28.44 11.72 12.46
C ARG A 5 -27.67 11.90 13.75
N PRO A 6 -27.76 13.08 14.36
CA PRO A 6 -27.10 13.29 15.65
C PRO A 6 -27.66 12.37 16.72
N ARG A 7 -26.79 11.99 17.66
CA ARG A 7 -27.14 11.04 18.70
C ARG A 7 -26.91 11.66 20.08
N THR A 8 -27.77 11.29 21.02
CA THR A 8 -27.59 11.61 22.43
C THR A 8 -27.06 10.37 23.13
N VAL A 9 -25.84 10.46 23.65
CA VAL A 9 -25.17 9.33 24.28
C VAL A 9 -25.03 9.63 25.77
N TRP A 10 -25.67 8.83 26.60
CA TRP A 10 -25.55 8.96 28.05
C TRP A 10 -24.29 8.25 28.53
N LEU A 11 -23.61 8.86 29.49
CA LEU A 11 -22.39 8.26 30.03
C LEU A 11 -22.73 7.00 30.81
N GLY A 12 -21.97 5.94 30.56
CA GLY A 12 -22.47 4.64 30.97
C GLY A 12 -23.72 4.33 30.18
N HIS A 13 -24.63 3.60 30.82
CA HIS A 13 -26.00 3.36 30.34
C HIS A 13 -26.10 3.27 28.81
N PRO A 14 -25.47 2.25 28.21
CA PRO A 14 -25.61 2.09 26.75
C PRO A 14 -27.02 1.75 26.30
N GLU A 15 -27.89 1.28 27.22
CA GLU A 15 -29.26 0.94 26.86
C GLU A 15 -30.10 2.17 26.52
N LYS A 16 -29.70 3.35 26.97
CA LYS A 16 -30.42 4.58 26.65
C LYS A 16 -30.05 4.99 25.23
N ARG A 17 -30.83 4.51 24.27
CA ARG A 17 -30.56 4.81 22.87
C ARG A 17 -31.87 4.86 22.10
N ASP A 18 -31.93 5.73 21.10
CA ASP A 18 -33.10 5.87 20.25
C ASP A 18 -33.06 4.95 19.03
N GLN A 19 -31.93 4.29 18.78
CA GLN A 19 -31.78 3.41 17.63
C GLN A 19 -30.87 2.25 18.04
N ARG A 20 -30.49 1.44 17.07
CA ARG A 20 -29.56 0.35 17.27
C ARG A 20 -28.22 0.69 16.61
N TYR A 21 -27.14 0.47 17.33
CA TYR A 21 -25.85 0.83 16.78
C TYR A 21 -25.09 -0.40 16.32
N PRO A 22 -24.29 -0.27 15.26
CA PRO A 22 -23.54 -1.42 14.76
C PRO A 22 -22.50 -1.89 15.77
N ARG A 23 -22.22 -3.20 15.73
CA ARG A 23 -21.21 -3.78 16.60
C ARG A 23 -19.83 -3.24 16.25
N ASN A 24 -19.00 -3.07 17.28
CA ASN A 24 -17.67 -2.47 17.13
C ASN A 24 -16.71 -3.52 16.58
N VAL A 25 -16.96 -3.91 15.33
CA VAL A 25 -16.20 -4.96 14.66
C VAL A 25 -15.61 -4.39 13.38
N ILE A 26 -14.31 -4.59 13.20
CA ILE A 26 -13.64 -4.26 11.96
C ILE A 26 -13.71 -5.46 11.04
N ASN A 27 -14.21 -5.25 9.82
CA ASN A 27 -14.49 -6.33 8.88
C ASN A 27 -13.80 -6.02 7.56
N ASN A 28 -13.01 -6.97 7.06
CA ASN A 28 -12.32 -6.82 5.79
C ASN A 28 -12.74 -7.85 4.75
N GLN A 29 -13.65 -8.77 5.09
CA GLN A 29 -14.01 -9.84 4.19
C GLN A 29 -15.10 -9.40 3.21
N LYS A 30 -15.04 -9.95 2.00
CA LYS A 30 -15.91 -9.49 0.92
C LYS A 30 -17.33 -10.02 1.04
N TYR A 31 -17.52 -11.16 1.69
CA TYR A 31 -18.83 -11.81 1.75
C TYR A 31 -19.15 -12.22 3.17
N ASN A 32 -20.45 -12.29 3.44
CA ASN A 32 -20.97 -12.94 4.64
C ASN A 32 -21.51 -14.31 4.26
N PHE A 33 -22.19 -14.97 5.19
CA PHE A 33 -22.72 -16.30 4.91
C PHE A 33 -23.76 -16.26 3.80
N PHE A 34 -24.62 -15.25 3.80
CA PHE A 34 -25.73 -15.21 2.84
C PHE A 34 -25.26 -14.81 1.44
N THR A 35 -24.34 -13.86 1.35
CA THR A 35 -23.93 -13.32 0.05
C THR A 35 -22.71 -14.03 -0.53
N PHE A 36 -22.19 -15.07 0.12
CA PHE A 36 -20.97 -15.71 -0.36
C PHE A 36 -21.20 -16.41 -1.69
N LEU A 37 -22.09 -17.42 -1.69
CA LEU A 37 -22.32 -18.19 -2.90
C LEU A 37 -22.83 -17.35 -4.07
N PRO A 38 -23.88 -16.52 -3.91
CA PRO A 38 -24.30 -15.70 -5.06
C PRO A 38 -23.21 -14.79 -5.58
N GLY A 39 -22.43 -14.17 -4.69
CA GLY A 39 -21.38 -13.27 -5.14
C GLY A 39 -20.27 -14.00 -5.87
N VAL A 40 -19.83 -15.14 -5.33
CA VAL A 40 -18.78 -15.92 -5.98
C VAL A 40 -19.24 -16.41 -7.34
N LEU A 41 -20.47 -16.94 -7.41
CA LEU A 41 -20.99 -17.43 -8.69
C LEU A 41 -21.13 -16.31 -9.71
N PHE A 42 -21.65 -15.15 -9.28
CA PHE A 42 -21.81 -14.03 -10.20
C PHE A 42 -20.47 -13.53 -10.71
N ASN A 43 -19.50 -13.36 -9.80
CA ASN A 43 -18.18 -12.91 -10.22
C ASN A 43 -17.46 -13.94 -11.07
N GLN A 44 -17.84 -15.22 -10.97
CA GLN A 44 -17.27 -16.22 -11.85
C GLN A 44 -17.89 -16.15 -13.25
N PHE A 45 -19.21 -16.17 -13.34
CA PHE A 45 -19.89 -16.35 -14.62
C PHE A 45 -20.29 -15.05 -15.29
N LYS A 46 -19.95 -13.90 -14.73
CA LYS A 46 -20.20 -12.66 -15.43
C LYS A 46 -19.24 -12.42 -16.59
N TYR A 47 -18.17 -13.21 -16.68
CA TYR A 47 -17.22 -13.11 -17.77
C TYR A 47 -17.49 -14.18 -18.82
N PHE A 48 -17.19 -13.85 -20.08
CA PHE A 48 -17.51 -14.74 -21.18
C PHE A 48 -16.80 -16.09 -21.04
N PHE A 49 -15.59 -16.09 -20.48
CA PHE A 49 -14.80 -17.31 -20.43
C PHE A 49 -15.49 -18.40 -19.61
N ASN A 50 -16.04 -18.05 -18.45
CA ASN A 50 -16.72 -19.04 -17.62
C ASN A 50 -18.15 -19.28 -18.08
N LEU A 51 -18.84 -18.20 -18.46
CA LEU A 51 -20.22 -18.32 -18.93
C LEU A 51 -20.30 -19.20 -20.18
N TYR A 52 -19.24 -19.22 -20.98
CA TYR A 52 -19.24 -20.04 -22.19
C TYR A 52 -19.34 -21.52 -21.84
N PHE A 53 -18.54 -21.97 -20.88
CA PHE A 53 -18.64 -23.36 -20.42
C PHE A 53 -19.98 -23.62 -19.75
N LEU A 54 -20.48 -22.64 -18.98
CA LEU A 54 -21.78 -22.83 -18.34
C LEU A 54 -22.89 -23.06 -19.37
N LEU A 55 -22.93 -22.22 -20.41
CA LEU A 55 -23.96 -22.35 -21.42
C LEU A 55 -23.75 -23.59 -22.28
N LEU A 56 -22.50 -23.96 -22.53
CA LEU A 56 -22.21 -25.20 -23.23
C LEU A 56 -22.79 -26.40 -22.48
N ALA A 57 -22.60 -26.43 -21.17
CA ALA A 57 -23.15 -27.52 -20.36
C ALA A 57 -24.68 -27.45 -20.32
N CYS A 58 -25.24 -26.25 -20.22
CA CYS A 58 -26.69 -26.11 -20.12
C CYS A 58 -27.40 -26.42 -21.43
N SER A 59 -26.72 -26.31 -22.57
CA SER A 59 -27.36 -26.63 -23.84
C SER A 59 -27.68 -28.11 -23.97
N GLN A 60 -27.04 -28.97 -23.18
CA GLN A 60 -27.26 -30.41 -23.27
C GLN A 60 -28.56 -30.84 -22.62
N PHE A 61 -29.25 -29.94 -21.91
CA PHE A 61 -30.58 -30.28 -21.40
C PHE A 61 -31.56 -30.49 -22.54
N VAL A 62 -31.46 -29.70 -23.60
CA VAL A 62 -32.30 -29.85 -24.78
C VAL A 62 -31.86 -31.09 -25.54
N PRO A 63 -32.74 -32.07 -25.74
CA PRO A 63 -32.33 -33.30 -26.44
C PRO A 63 -31.97 -33.09 -27.90
N GLU A 64 -32.40 -31.99 -28.53
CA GLU A 64 -32.00 -31.73 -29.91
C GLU A 64 -30.50 -31.44 -30.01
N MET A 65 -29.93 -30.82 -28.98
CA MET A 65 -28.54 -30.39 -29.00
C MET A 65 -27.62 -31.33 -28.22
N ARG A 66 -28.10 -32.52 -27.87
CA ARG A 66 -27.27 -33.48 -27.15
C ARG A 66 -26.13 -33.97 -28.04
N LEU A 67 -24.92 -33.99 -27.50
CA LEU A 67 -23.74 -34.45 -28.25
C LEU A 67 -22.75 -35.00 -27.23
N GLY A 68 -22.63 -36.31 -27.17
CA GLY A 68 -21.79 -36.94 -26.18
C GLY A 68 -22.51 -37.10 -24.85
N ALA A 69 -21.72 -37.43 -23.83
CA ALA A 69 -22.26 -37.66 -22.50
C ALA A 69 -22.31 -36.37 -21.69
N LEU A 70 -23.24 -36.33 -20.73
CA LEU A 70 -23.42 -35.15 -19.91
C LEU A 70 -22.22 -34.91 -18.99
N TYR A 71 -21.64 -35.99 -18.46
CA TYR A 71 -20.54 -35.81 -17.50
C TYR A 71 -19.34 -35.16 -18.16
N THR A 72 -19.12 -35.40 -19.45
CA THR A 72 -18.04 -34.72 -20.16
C THR A 72 -18.26 -33.21 -20.19
N TYR A 73 -19.50 -32.75 -20.07
CA TYR A 73 -19.78 -31.32 -20.00
C TYR A 73 -19.79 -30.79 -18.57
N TRP A 74 -20.12 -31.63 -17.59
CA TRP A 74 -20.36 -31.13 -16.24
C TRP A 74 -19.21 -31.38 -15.27
N VAL A 75 -18.45 -32.47 -15.42
CA VAL A 75 -17.35 -32.74 -14.51
C VAL A 75 -16.27 -31.67 -14.57
N PRO A 76 -15.78 -31.24 -15.75
CA PRO A 76 -14.79 -30.16 -15.75
C PRO A 76 -15.35 -28.84 -15.23
N LEU A 77 -16.59 -28.50 -15.60
CA LEU A 77 -17.21 -27.30 -15.09
C LEU A 77 -17.38 -27.36 -13.57
N GLY A 78 -17.79 -28.52 -13.06
CA GLY A 78 -17.91 -28.69 -11.62
C GLY A 78 -16.58 -28.60 -10.91
N PHE A 79 -15.52 -29.15 -11.52
CA PHE A 79 -14.20 -29.06 -10.92
C PHE A 79 -13.71 -27.63 -10.85
N VAL A 80 -13.92 -26.86 -11.93
CA VAL A 80 -13.52 -25.46 -11.93
C VAL A 80 -14.31 -24.69 -10.87
N LEU A 81 -15.63 -24.93 -10.81
CA LEU A 81 -16.45 -24.25 -9.80
C LEU A 81 -16.00 -24.60 -8.39
N ALA A 82 -15.69 -25.88 -8.14
CA ALA A 82 -15.23 -26.29 -6.82
C ALA A 82 -13.91 -25.62 -6.46
N VAL A 83 -12.97 -25.56 -7.41
CA VAL A 83 -11.69 -24.90 -7.15
C VAL A 83 -11.92 -23.44 -6.79
N THR A 84 -12.76 -22.74 -7.57
CA THR A 84 -13.03 -21.33 -7.29
C THR A 84 -13.68 -21.14 -5.94
N VAL A 85 -14.67 -21.97 -5.62
CA VAL A 85 -15.40 -21.83 -4.36
C VAL A 85 -14.49 -22.12 -3.17
N ILE A 86 -13.65 -23.15 -3.27
CA ILE A 86 -12.74 -23.48 -2.18
C ILE A 86 -11.72 -22.36 -1.99
N ARG A 87 -11.19 -21.81 -3.08
CA ARG A 87 -10.25 -20.71 -2.96
C ARG A 87 -10.89 -19.50 -2.27
N GLU A 88 -12.12 -19.16 -2.68
CA GLU A 88 -12.81 -18.03 -2.08
C GLU A 88 -13.11 -18.28 -0.60
N ALA A 89 -13.53 -19.49 -0.26
CA ALA A 89 -13.82 -19.82 1.12
C ALA A 89 -12.56 -19.76 1.99
N VAL A 90 -11.44 -20.26 1.47
CA VAL A 90 -10.18 -20.18 2.22
C VAL A 90 -9.78 -18.73 2.43
N GLU A 91 -9.91 -17.90 1.39
CA GLU A 91 -9.59 -16.48 1.52
C GLU A 91 -10.46 -15.83 2.58
N GLU A 92 -11.76 -16.08 2.55
CA GLU A 92 -12.69 -15.47 3.50
C GLU A 92 -12.39 -15.95 4.93
N ILE A 93 -12.10 -17.23 5.09
CA ILE A 93 -11.84 -17.77 6.43
C ILE A 93 -10.55 -17.17 6.99
N ARG A 94 -9.51 -17.06 6.18
CA ARG A 94 -8.27 -16.43 6.66
C ARG A 94 -8.50 -14.97 7.00
N CYS A 95 -9.30 -14.26 6.21
CA CYS A 95 -9.61 -12.87 6.53
C CYS A 95 -10.35 -12.76 7.86
N TYR A 96 -11.31 -13.65 8.10
CA TYR A 96 -12.04 -13.65 9.38
C TYR A 96 -11.11 -13.93 10.54
N VAL A 97 -10.21 -14.91 10.38
CA VAL A 97 -9.27 -15.24 11.45
C VAL A 97 -8.35 -14.07 11.74
N ARG A 98 -7.88 -13.38 10.69
CA ARG A 98 -6.99 -12.25 10.89
C ARG A 98 -7.72 -11.03 11.46
N ASP A 99 -9.03 -10.90 11.19
CA ASP A 99 -9.80 -9.84 11.80
C ASP A 99 -10.07 -10.10 13.27
N LYS A 100 -10.16 -11.39 13.65
CA LYS A 100 -10.41 -11.72 15.05
C LYS A 100 -9.31 -11.21 15.97
N GLU A 101 -8.08 -11.11 15.48
CA GLU A 101 -6.99 -10.59 16.30
C GLU A 101 -7.25 -9.15 16.71
N VAL A 102 -7.65 -8.32 15.75
CA VAL A 102 -7.93 -6.91 16.06
C VAL A 102 -9.21 -6.79 16.87
N ASN A 103 -10.19 -7.65 16.61
CA ASN A 103 -11.48 -7.52 17.28
C ASN A 103 -11.49 -8.13 18.67
N SER A 104 -10.49 -8.91 19.05
CA SER A 104 -10.47 -9.60 20.33
C SER A 104 -9.56 -8.93 21.35
N GLN A 105 -9.07 -7.72 21.07
CA GLN A 105 -8.27 -7.01 22.04
C GLN A 105 -9.11 -6.63 23.26
N VAL A 106 -8.51 -6.75 24.44
CA VAL A 106 -9.23 -6.62 25.70
C VAL A 106 -8.98 -5.24 26.29
N TYR A 107 -10.04 -4.60 26.75
CA TYR A 107 -9.98 -3.29 27.39
C TYR A 107 -10.76 -3.34 28.69
N SER A 108 -10.54 -2.34 29.53
CA SER A 108 -11.26 -2.21 30.78
C SER A 108 -12.50 -1.34 30.59
N ARG A 109 -13.58 -1.72 31.26
CA ARG A 109 -14.84 -0.98 31.19
C ARG A 109 -15.33 -0.68 32.60
N LEU A 110 -15.71 0.56 32.84
CA LEU A 110 -16.22 0.97 34.14
C LEU A 110 -17.64 0.46 34.32
N THR A 111 -17.89 -0.17 35.48
CA THR A 111 -19.20 -0.70 35.83
C THR A 111 -19.54 -0.31 37.25
N ALA A 112 -20.81 -0.50 37.63
CA ALA A 112 -21.24 -0.18 38.98
C ALA A 112 -20.51 -1.05 40.01
N ARG A 113 -20.31 -2.33 39.69
CA ARG A 113 -19.56 -3.20 40.60
C ARG A 113 -18.08 -2.84 40.62
N GLY A 114 -17.57 -2.26 39.54
CA GLY A 114 -16.17 -1.91 39.46
C GLY A 114 -15.67 -1.80 38.03
N THR A 115 -14.59 -2.50 37.71
CA THR A 115 -14.02 -2.53 36.38
C THR A 115 -14.05 -3.96 35.86
N VAL A 116 -14.46 -4.12 34.60
CA VAL A 116 -14.57 -5.43 33.97
C VAL A 116 -13.82 -5.42 32.66
N LYS A 117 -13.39 -6.60 32.23
CA LYS A 117 -12.73 -6.76 30.95
C LYS A 117 -13.75 -6.89 29.83
N VAL A 118 -13.50 -6.20 28.73
CA VAL A 118 -14.38 -6.22 27.57
C VAL A 118 -13.54 -6.32 26.32
N LYS A 119 -13.98 -7.14 25.37
CA LYS A 119 -13.30 -7.23 24.08
C LYS A 119 -13.67 -6.05 23.20
N SER A 120 -12.82 -5.79 22.21
CA SER A 120 -13.03 -4.65 21.33
C SER A 120 -14.33 -4.79 20.55
N SER A 121 -14.67 -6.02 20.14
CA SER A 121 -15.89 -6.24 19.36
C SER A 121 -17.16 -6.10 20.19
N ASN A 122 -17.05 -6.13 21.51
CA ASN A 122 -18.21 -6.04 22.40
C ASN A 122 -18.44 -4.62 22.91
N ILE A 123 -17.67 -3.64 22.44
CA ILE A 123 -17.83 -2.27 22.88
C ILE A 123 -19.14 -1.70 22.34
N GLN A 124 -19.89 -1.02 23.21
CA GLN A 124 -21.15 -0.41 22.85
C GLN A 124 -21.07 1.09 23.00
N VAL A 125 -21.93 1.79 22.24
CA VAL A 125 -22.03 3.23 22.38
C VAL A 125 -22.51 3.58 23.78
N GLY A 126 -21.76 4.44 24.46
CA GLY A 126 -22.05 4.80 25.83
C GLY A 126 -21.19 4.13 26.86
N ASP A 127 -20.42 3.11 26.48
CA ASP A 127 -19.51 2.47 27.41
C ASP A 127 -18.42 3.43 27.85
N LEU A 128 -18.03 3.33 29.12
CA LEU A 128 -16.89 4.05 29.65
C LEU A 128 -15.68 3.13 29.58
N ILE A 129 -14.76 3.43 28.67
CA ILE A 129 -13.67 2.53 28.31
C ILE A 129 -12.35 3.10 28.80
N ILE A 130 -11.55 2.27 29.44
CA ILE A 130 -10.21 2.64 29.86
C ILE A 130 -9.22 2.19 28.79
N VAL A 131 -8.37 3.11 28.36
CA VAL A 131 -7.31 2.84 27.40
C VAL A 131 -5.98 3.11 28.07
N GLU A 132 -5.07 2.14 28.01
CA GLU A 132 -3.77 2.25 28.65
C GLU A 132 -2.75 2.93 27.73
N LYS A 133 -1.58 3.20 28.30
CA LYS A 133 -0.49 3.77 27.54
C LYS A 133 -0.05 2.83 26.42
N ASN A 134 0.20 3.41 25.24
CA ASN A 134 0.65 2.68 24.06
C ASN A 134 -0.38 1.68 23.56
N GLN A 135 -1.64 1.84 23.98
CA GLN A 135 -2.72 0.96 23.56
C GLN A 135 -3.59 1.66 22.51
N ARG A 136 -3.98 0.91 21.50
CA ARG A 136 -4.84 1.45 20.46
C ARG A 136 -6.24 1.74 20.99
N VAL A 137 -6.79 2.89 20.61
CA VAL A 137 -8.16 3.26 20.96
C VAL A 137 -9.11 2.40 20.14
N PRO A 138 -10.02 1.66 20.78
CA PRO A 138 -10.84 0.69 20.04
C PRO A 138 -12.09 1.28 19.39
N ALA A 139 -12.56 2.42 19.88
CA ALA A 139 -13.77 3.04 19.35
C ALA A 139 -13.65 4.54 19.50
N ASP A 140 -14.49 5.26 18.76
CA ASP A 140 -14.49 6.71 18.81
C ASP A 140 -15.07 7.18 20.14
N MET A 141 -14.27 7.92 20.92
CA MET A 141 -14.65 8.31 22.27
C MET A 141 -14.47 9.81 22.47
N ILE A 142 -15.10 10.30 23.53
CA ILE A 142 -14.85 11.63 24.06
C ILE A 142 -13.93 11.48 25.27
N PHE A 143 -12.81 12.20 25.23
CA PHE A 143 -11.87 12.19 26.35
C PHE A 143 -12.53 12.75 27.60
N LEU A 144 -12.60 11.93 28.65
CA LEU A 144 -13.25 12.32 29.90
C LEU A 144 -12.28 12.49 31.05
N ARG A 145 -11.35 11.56 31.24
CA ARG A 145 -10.51 11.58 32.43
C ARG A 145 -9.15 10.97 32.09
N THR A 146 -8.10 11.51 32.71
CA THR A 146 -6.76 10.96 32.61
C THR A 146 -6.14 10.88 34.00
N SER A 147 -5.28 9.89 34.18
CA SER A 147 -4.57 9.74 35.45
C SER A 147 -3.43 10.73 35.61
N GLU A 148 -2.96 11.32 34.52
CA GLU A 148 -1.85 12.26 34.58
C GLU A 148 -2.29 13.55 35.27
N LYS A 149 -1.37 14.14 36.04
CA LYS A 149 -1.67 15.34 36.80
C LYS A 149 -1.67 16.61 35.98
N ASN A 150 -1.15 16.57 34.75
CA ASN A 150 -1.24 17.75 33.88
C ASN A 150 -2.61 17.89 33.23
N GLY A 151 -3.49 16.91 33.38
CA GLY A 151 -4.84 17.00 32.86
C GLY A 151 -4.92 17.01 31.35
N SER A 152 -4.12 16.19 30.68
CA SER A 152 -4.12 16.11 29.23
C SER A 152 -3.45 14.82 28.82
N CYS A 153 -3.51 14.53 27.51
CA CYS A 153 -2.84 13.36 26.98
C CYS A 153 -2.42 13.65 25.55
N PHE A 154 -1.40 12.92 25.09
CA PHE A 154 -0.94 12.98 23.72
C PHE A 154 -1.44 11.76 22.97
N LEU A 155 -1.83 11.97 21.72
CA LEU A 155 -2.29 10.88 20.85
C LEU A 155 -1.36 10.75 19.66
N ARG A 156 -0.99 9.52 19.35
CA ARG A 156 -0.34 9.19 18.09
C ARG A 156 -1.41 8.82 17.08
N THR A 157 -1.53 9.60 16.02
CA THR A 157 -2.61 9.44 15.05
C THR A 157 -2.12 9.03 13.66
N ASP A 158 -0.86 8.61 13.52
CA ASP A 158 -0.31 8.34 12.20
C ASP A 158 -1.04 7.20 11.51
N GLN A 159 -1.58 6.25 12.26
CA GLN A 159 -2.39 5.20 11.65
C GLN A 159 -3.73 5.73 11.16
N LEU A 160 -4.20 6.85 11.70
CA LEU A 160 -5.48 7.42 11.32
C LEU A 160 -5.37 8.44 10.19
N ASP A 161 -4.42 9.38 10.28
CA ASP A 161 -4.30 10.41 9.27
C ASP A 161 -2.88 10.56 8.72
N GLY A 162 -1.93 9.74 9.15
CA GLY A 162 -0.59 9.82 8.61
C GLY A 162 0.23 10.99 9.05
N GLU A 163 -0.10 11.58 10.20
CA GLU A 163 0.61 12.75 10.71
C GLU A 163 1.60 12.34 11.78
N THR A 164 2.80 12.91 11.72
CA THR A 164 3.86 12.60 12.67
C THR A 164 3.75 13.39 13.97
N ASP A 165 3.08 14.54 13.95
CA ASP A 165 2.92 15.33 15.16
C ASP A 165 2.01 14.62 16.14
N TRP A 166 2.37 14.68 17.42
CA TRP A 166 1.49 14.20 18.48
C TRP A 166 0.40 15.21 18.76
N LYS A 167 -0.81 14.72 18.98
CA LYS A 167 -1.97 15.57 19.20
C LYS A 167 -2.22 15.71 20.70
N LEU A 168 -2.27 16.95 21.16
CA LEU A 168 -2.61 17.22 22.55
C LEU A 168 -4.13 17.18 22.72
N ARG A 169 -4.60 16.34 23.63
CA ARG A 169 -6.03 16.17 23.86
C ARG A 169 -6.37 16.61 25.28
N LEU A 170 -7.51 17.30 25.42
CA LEU A 170 -7.96 17.77 26.71
C LEU A 170 -9.25 17.05 27.09
N PRO A 171 -9.35 16.55 28.31
CA PRO A 171 -10.59 15.90 28.75
C PRO A 171 -11.67 16.94 29.05
N VAL A 172 -12.90 16.44 29.15
CA VAL A 172 -14.01 17.29 29.58
C VAL A 172 -13.69 17.82 30.97
N ALA A 173 -13.78 19.14 31.13
CA ALA A 173 -13.32 19.78 32.37
C ALA A 173 -14.10 19.28 33.57
N CYS A 174 -15.42 19.11 33.42
CA CYS A 174 -16.24 18.66 34.55
C CYS A 174 -15.83 17.26 35.01
N THR A 175 -15.60 16.35 34.06
CA THR A 175 -15.31 14.96 34.41
C THR A 175 -13.89 14.79 34.94
N GLN A 176 -12.94 15.61 34.51
CA GLN A 176 -11.57 15.50 34.98
C GLN A 176 -11.45 15.89 36.44
N ARG A 177 -12.29 16.79 36.93
CA ARG A 177 -12.23 17.29 38.29
C ARG A 177 -12.94 16.40 39.29
N LEU A 178 -13.62 15.35 38.85
CA LEU A 178 -14.26 14.44 39.78
C LEU A 178 -13.19 13.71 40.61
N PRO A 179 -13.44 13.49 41.90
CA PRO A 179 -12.41 12.85 42.74
C PRO A 179 -12.00 11.46 42.28
N THR A 180 -12.92 10.68 41.71
CA THR A 180 -12.62 9.32 41.29
C THR A 180 -13.30 9.06 39.95
N ALA A 181 -12.75 8.07 39.22
CA ALA A 181 -13.36 7.65 37.97
C ALA A 181 -14.68 6.92 38.18
N ALA A 182 -14.91 6.38 39.37
CA ALA A 182 -16.19 5.75 39.66
C ALA A 182 -17.33 6.76 39.74
N ASP A 183 -17.02 8.03 39.97
CA ASP A 183 -18.06 9.06 40.03
C ASP A 183 -18.65 9.35 38.65
N LEU A 184 -18.00 8.89 37.58
CA LEU A 184 -18.57 9.07 36.24
C LEU A 184 -19.91 8.35 36.10
N LEU A 185 -20.07 7.22 36.80
CA LEU A 185 -21.31 6.46 36.76
C LEU A 185 -22.36 7.00 37.72
N GLN A 186 -21.98 7.85 38.68
CA GLN A 186 -22.89 8.37 39.68
C GLN A 186 -23.46 9.74 39.31
N ILE A 187 -23.08 10.29 38.17
CA ILE A 187 -23.61 11.55 37.69
C ILE A 187 -24.57 11.28 36.54
N ARG A 188 -25.48 12.21 36.32
CA ARG A 188 -26.48 12.10 35.26
C ARG A 188 -26.03 13.02 34.12
N SER A 189 -25.19 12.49 33.24
CA SER A 189 -24.59 13.28 32.18
C SER A 189 -24.70 12.55 30.85
N TYR A 190 -24.68 13.33 29.77
CA TYR A 190 -24.78 12.79 28.43
C TYR A 190 -23.97 13.65 27.47
N VAL A 191 -23.67 13.09 26.32
CA VAL A 191 -22.96 13.79 25.26
C VAL A 191 -23.87 13.85 24.03
N TYR A 192 -24.15 15.05 23.55
CA TYR A 192 -24.87 15.24 22.32
C TYR A 192 -23.86 15.39 21.19
N ALA A 193 -23.84 14.41 20.27
CA ALA A 193 -22.79 14.30 19.27
C ALA A 193 -23.38 14.52 17.88
N GLU A 194 -22.53 15.00 16.97
CA GLU A 194 -22.93 15.15 15.59
C GLU A 194 -23.15 13.77 14.95
N GLU A 195 -23.76 13.78 13.77
CA GLU A 195 -24.00 12.54 13.06
C GLU A 195 -22.67 11.93 12.62
N PRO A 196 -22.59 10.61 12.53
CA PRO A 196 -21.35 9.97 12.08
C PRO A 196 -21.02 10.39 10.65
N ASN A 197 -19.83 10.93 10.47
CA ASN A 197 -19.42 11.44 9.17
C ASN A 197 -17.97 11.04 8.94
N ILE A 198 -17.37 11.63 7.91
CA ILE A 198 -16.10 11.15 7.40
C ILE A 198 -14.93 12.06 7.74
N ASP A 199 -15.19 13.23 8.32
CA ASP A 199 -14.14 14.19 8.63
C ASP A 199 -13.38 13.75 9.87
N ILE A 200 -12.07 13.61 9.74
CA ILE A 200 -11.25 13.10 10.83
C ILE A 200 -10.84 14.23 11.78
N HIS A 201 -10.72 15.45 11.29
CA HIS A 201 -10.11 16.53 12.06
C HIS A 201 -11.11 17.53 12.62
N ASN A 202 -12.41 17.26 12.52
CA ASN A 202 -13.42 18.15 13.10
C ASN A 202 -14.47 17.33 13.83
N PHE A 203 -14.96 17.87 14.93
CA PHE A 203 -16.06 17.28 15.67
C PHE A 203 -16.86 18.39 16.34
N VAL A 204 -18.18 18.28 16.30
CA VAL A 204 -19.08 19.19 16.98
C VAL A 204 -19.92 18.40 17.97
N GLY A 205 -19.92 18.82 19.22
CA GLY A 205 -20.65 18.10 20.25
C GLY A 205 -20.79 18.94 21.50
N THR A 206 -21.58 18.41 22.44
CA THR A 206 -21.83 19.08 23.69
C THR A 206 -21.86 18.05 24.81
N PHE A 207 -21.25 18.41 25.95
CA PHE A 207 -21.33 17.63 27.17
C PHE A 207 -22.26 18.33 28.14
N THR A 208 -23.22 17.61 28.69
CA THR A 208 -24.19 18.16 29.63
C THR A 208 -24.27 17.27 30.86
N ARG A 209 -24.15 17.88 32.03
CA ARG A 209 -24.32 17.17 33.31
C ARG A 209 -25.58 17.70 33.98
N GLU A 210 -26.57 16.83 34.14
CA GLU A 210 -27.83 17.20 34.77
C GLU A 210 -27.83 16.97 36.28
N ASP A 211 -26.79 16.32 36.82
CA ASP A 211 -26.77 16.05 38.25
C ASP A 211 -26.53 17.32 39.07
N SER A 212 -25.68 18.22 38.57
CA SER A 212 -25.38 19.44 39.29
C SER A 212 -26.59 20.37 39.34
N ASP A 213 -26.73 21.09 40.44
CA ASP A 213 -27.87 21.99 40.60
C ASP A 213 -27.89 23.08 39.53
N PRO A 214 -26.79 23.76 39.22
CA PRO A 214 -26.74 24.52 37.96
C PRO A 214 -26.30 23.60 36.83
N PRO A 215 -27.14 23.42 35.80
CA PRO A 215 -26.73 22.55 34.68
C PRO A 215 -25.44 23.04 34.05
N ILE A 216 -24.57 22.08 33.75
CA ILE A 216 -23.24 22.37 33.20
C ILE A 216 -23.22 21.87 31.76
N SER A 217 -22.89 22.77 30.83
CA SER A 217 -22.74 22.43 29.42
C SER A 217 -21.35 22.84 28.95
N GLU A 218 -20.72 21.96 28.18
CA GLU A 218 -19.40 22.22 27.60
C GLU A 218 -19.45 21.93 26.11
N SER A 219 -18.95 22.88 25.31
CA SER A 219 -18.79 22.63 23.89
C SER A 219 -17.63 21.68 23.67
N LEU A 220 -17.84 20.69 22.80
CA LEU A 220 -16.82 19.69 22.50
C LEU A 220 -16.29 19.91 21.09
N SER A 221 -14.97 19.81 20.94
CA SER A 221 -14.33 19.92 19.65
C SER A 221 -13.45 18.70 19.40
N ILE A 222 -12.65 18.74 18.33
CA ILE A 222 -11.74 17.64 18.04
C ILE A 222 -10.71 17.45 19.14
N GLU A 223 -10.46 18.49 19.94
CA GLU A 223 -9.50 18.41 21.05
C GLU A 223 -9.98 17.52 22.19
N ASN A 224 -11.26 17.16 22.22
CA ASN A 224 -11.80 16.30 23.27
C ASN A 224 -12.07 14.88 22.79
N THR A 225 -11.68 14.55 21.57
CA THR A 225 -12.01 13.26 20.97
C THR A 225 -10.79 12.35 20.95
N LEU A 226 -11.06 11.04 21.03
CA LEU A 226 -10.04 10.00 20.88
C LEU A 226 -10.59 9.02 19.85
N TRP A 227 -10.23 9.23 18.58
CA TRP A 227 -10.75 8.38 17.52
C TRP A 227 -10.14 6.98 17.57
N ALA A 228 -10.92 6.00 17.15
CA ALA A 228 -10.42 4.64 17.01
C ALA A 228 -9.29 4.60 15.99
N GLY A 229 -8.23 3.88 16.32
CA GLY A 229 -7.04 3.81 15.50
C GLY A 229 -5.90 4.67 16.00
N THR A 230 -6.17 5.66 16.84
CA THR A 230 -5.11 6.41 17.48
C THR A 230 -4.57 5.64 18.68
N VAL A 231 -3.40 6.04 19.14
CA VAL A 231 -2.69 5.36 20.22
C VAL A 231 -2.41 6.37 21.33
N VAL A 232 -2.74 5.99 22.56
CA VAL A 232 -2.49 6.85 23.72
C VAL A 232 -1.00 6.85 24.02
N ALA A 233 -0.40 8.05 24.07
CA ALA A 233 1.04 8.15 24.25
C ALA A 233 1.47 7.78 25.66
N SER A 234 0.79 8.32 26.67
CA SER A 234 1.13 8.02 28.05
C SER A 234 -0.11 8.18 28.93
N GLY A 235 -0.07 7.51 30.07
CA GLY A 235 -1.16 7.55 31.02
C GLY A 235 -2.33 6.67 30.60
N THR A 236 -3.22 6.44 31.56
CA THR A 236 -4.44 5.70 31.32
C THR A 236 -5.60 6.69 31.27
N VAL A 237 -6.41 6.59 30.22
CA VAL A 237 -7.49 7.53 29.98
C VAL A 237 -8.82 6.80 30.07
N VAL A 238 -9.86 7.56 30.36
CA VAL A 238 -11.23 7.09 30.35
C VAL A 238 -12.02 7.92 29.36
N GLY A 239 -12.82 7.25 28.53
CA GLY A 239 -13.65 7.94 27.56
C GLY A 239 -15.00 7.27 27.43
N VAL A 240 -15.94 8.01 26.87
CA VAL A 240 -17.29 7.52 26.59
C VAL A 240 -17.40 7.27 25.10
N VAL A 241 -17.90 6.10 24.73
CA VAL A 241 -17.94 5.69 23.33
C VAL A 241 -19.07 6.41 22.62
N LEU A 242 -18.76 7.02 21.48
CA LEU A 242 -19.73 7.72 20.66
C LEU A 242 -20.15 6.93 19.43
N TYR A 243 -19.17 6.39 18.69
CA TYR A 243 -19.43 5.65 17.46
C TYR A 243 -18.72 4.31 17.52
N THR A 244 -19.31 3.32 16.85
CA THR A 244 -18.77 1.96 16.83
C THR A 244 -18.85 1.42 15.41
N GLY A 245 -18.01 0.43 15.15
CA GLY A 245 -18.13 -0.38 13.94
C GLY A 245 -18.02 0.43 12.66
N ARG A 246 -19.02 0.28 11.79
CA ARG A 246 -19.01 0.91 10.49
C ARG A 246 -19.11 2.42 10.54
N GLU A 247 -19.48 2.99 11.69
CA GLU A 247 -19.61 4.43 11.84
C GLU A 247 -18.37 5.07 12.47
N LEU A 248 -17.30 4.30 12.68
CA LEU A 248 -16.05 4.86 13.14
C LEU A 248 -15.44 5.75 12.06
N ARG A 249 -14.75 6.82 12.52
CA ARG A 249 -14.14 7.74 11.58
C ARG A 249 -13.17 7.03 10.64
N SER A 250 -12.37 6.11 11.18
CA SER A 250 -11.44 5.36 10.35
C SER A 250 -12.18 4.47 9.36
N VAL A 251 -13.25 3.81 9.81
CA VAL A 251 -13.98 2.89 8.94
C VAL A 251 -14.75 3.65 7.86
N MET A 252 -15.34 4.79 8.21
CA MET A 252 -16.08 5.57 7.22
C MET A 252 -15.18 6.11 6.12
N ASN A 253 -13.88 6.23 6.36
CA ASN A 253 -12.92 6.60 5.34
C ASN A 253 -12.41 5.39 4.56
N THR A 254 -13.04 4.24 4.73
CA THR A 254 -12.62 2.99 4.12
C THR A 254 -13.74 2.49 3.20
N SER A 255 -13.37 2.10 1.99
CA SER A 255 -14.34 1.57 1.04
C SER A 255 -14.67 0.11 1.36
N ASN A 256 -15.73 -0.38 0.74
CA ASN A 256 -16.07 -1.78 0.87
C ASN A 256 -15.06 -2.64 0.11
N PRO A 257 -14.66 -3.80 0.66
CA PRO A 257 -13.76 -4.69 -0.08
C PRO A 257 -14.41 -5.16 -1.38
N ARG A 258 -13.58 -5.28 -2.42
CA ARG A 258 -14.05 -5.65 -3.73
C ARG A 258 -13.24 -6.83 -4.25
N SER A 259 -13.84 -7.58 -5.18
CA SER A 259 -13.16 -8.68 -5.84
C SER A 259 -12.46 -8.13 -7.08
N LYS A 260 -11.13 -8.19 -7.08
CA LYS A 260 -10.34 -7.66 -8.18
C LYS A 260 -10.04 -8.74 -9.19
N ILE A 261 -10.03 -8.37 -10.47
CA ILE A 261 -9.61 -9.25 -11.55
C ILE A 261 -8.42 -8.60 -12.25
N GLY A 262 -7.45 -9.42 -12.62
CA GLY A 262 -6.25 -8.90 -13.25
C GLY A 262 -6.48 -8.48 -14.69
N LEU A 263 -5.59 -7.62 -15.16
CA LEU A 263 -5.62 -7.21 -16.56
C LEU A 263 -5.31 -8.38 -17.48
N PHE A 264 -4.42 -9.28 -17.06
CA PHE A 264 -4.12 -10.46 -17.87
C PHE A 264 -5.34 -11.34 -18.03
N ASP A 265 -6.13 -11.50 -16.97
CA ASP A 265 -7.35 -12.29 -17.05
C ASP A 265 -8.34 -11.67 -18.02
N LEU A 266 -8.45 -10.34 -18.01
CA LEU A 266 -9.32 -9.65 -18.96
C LEU A 266 -8.84 -9.86 -20.39
N GLU A 267 -7.52 -9.83 -20.60
CA GLU A 267 -6.98 -10.08 -21.94
C GLU A 267 -7.26 -11.50 -22.40
N VAL A 268 -7.14 -12.48 -21.50
CA VAL A 268 -7.46 -13.86 -21.84
C VAL A 268 -8.95 -13.99 -22.18
N ASN A 269 -9.80 -13.28 -21.43
CA ASN A 269 -11.23 -13.28 -21.72
C ASN A 269 -11.50 -12.71 -23.11
N CYS A 270 -10.82 -11.62 -23.47
CA CYS A 270 -10.97 -11.05 -24.81
C CYS A 270 -10.49 -12.02 -25.88
N LEU A 271 -9.40 -12.74 -25.62
CA LEU A 271 -8.92 -13.73 -26.58
C LEU A 271 -9.94 -14.85 -26.78
N THR A 272 -10.57 -15.30 -25.69
CA THR A 272 -11.60 -16.32 -25.82
C THR A 272 -12.80 -15.79 -26.61
N LYS A 273 -13.15 -14.53 -26.40
CA LYS A 273 -14.20 -13.91 -27.21
C LYS A 273 -13.83 -13.93 -28.69
N ILE A 274 -12.58 -13.60 -29.01
CA ILE A 274 -12.14 -13.59 -30.40
C ILE A 274 -12.20 -15.00 -31.00
N LEU A 275 -11.76 -16.00 -30.23
CA LEU A 275 -11.80 -17.38 -30.71
C LEU A 275 -13.24 -17.84 -30.96
N PHE A 276 -14.15 -17.52 -30.04
CA PHE A 276 -15.54 -17.89 -30.24
C PHE A 276 -16.15 -17.16 -31.43
N GLY A 277 -15.80 -15.89 -31.61
CA GLY A 277 -16.29 -15.17 -32.77
C GLY A 277 -15.81 -15.77 -34.07
N ALA A 278 -14.55 -16.19 -34.11
CA ALA A 278 -14.03 -16.87 -35.30
C ALA A 278 -14.77 -18.17 -35.55
N LEU A 279 -15.04 -18.94 -34.49
CA LEU A 279 -15.79 -20.17 -34.64
C LEU A 279 -17.20 -19.92 -35.18
N VAL A 280 -17.86 -18.87 -34.68
CA VAL A 280 -19.22 -18.56 -35.12
C VAL A 280 -19.21 -18.08 -36.57
N VAL A 281 -18.22 -17.29 -36.96
CA VAL A 281 -18.10 -16.87 -38.35
C VAL A 281 -17.90 -18.08 -39.26
N VAL A 282 -17.05 -19.01 -38.84
CA VAL A 282 -16.83 -20.22 -39.61
C VAL A 282 -18.11 -21.03 -39.75
N SER A 283 -18.88 -21.14 -38.66
CA SER A 283 -20.15 -21.86 -38.72
C SER A 283 -21.13 -21.17 -39.67
N LEU A 284 -21.19 -19.83 -39.62
CA LEU A 284 -22.07 -19.10 -40.52
C LEU A 284 -21.69 -19.34 -41.98
N VAL A 285 -20.39 -19.30 -42.28
CA VAL A 285 -19.94 -19.54 -43.65
C VAL A 285 -20.27 -20.96 -44.08
N MET A 286 -20.05 -21.93 -43.19
CA MET A 286 -20.36 -23.31 -43.51
C MET A 286 -21.84 -23.49 -43.83
N VAL A 287 -22.71 -22.89 -43.02
CA VAL A 287 -24.15 -23.05 -43.24
C VAL A 287 -24.58 -22.25 -44.47
N ALA A 288 -23.85 -21.19 -44.82
CA ALA A 288 -24.18 -20.43 -46.01
C ALA A 288 -23.79 -21.17 -47.29
N LEU A 289 -22.69 -21.91 -47.25
CA LEU A 289 -22.30 -22.72 -48.40
C LEU A 289 -23.36 -23.77 -48.73
N GLN A 290 -24.16 -24.17 -47.76
CA GLN A 290 -25.31 -25.03 -47.98
C GLN A 290 -26.57 -24.24 -48.33
N HIS A 291 -26.48 -22.92 -48.42
CA HIS A 291 -27.60 -22.05 -48.77
C HIS A 291 -28.78 -22.24 -47.81
N PHE A 292 -28.47 -22.45 -46.54
CA PHE A 292 -29.47 -22.58 -45.48
C PHE A 292 -30.55 -23.60 -45.86
N ALA A 293 -30.10 -24.84 -45.99
CA ALA A 293 -30.93 -25.93 -46.50
C ALA A 293 -32.12 -26.27 -45.61
N GLY A 294 -32.30 -25.55 -44.51
CA GLY A 294 -33.41 -25.84 -43.59
C GLY A 294 -32.86 -26.34 -42.28
N ARG A 295 -33.45 -25.85 -41.18
CA ARG A 295 -32.97 -26.14 -39.83
C ARG A 295 -31.50 -25.75 -39.69
N TRP A 296 -31.12 -24.63 -40.31
CA TRP A 296 -29.74 -24.19 -40.33
C TRP A 296 -29.25 -23.83 -38.93
N TYR A 297 -30.12 -23.28 -38.08
CA TYR A 297 -29.75 -22.95 -36.72
C TYR A 297 -29.31 -24.19 -35.95
N LEU A 298 -30.02 -25.31 -36.13
CA LEU A 298 -29.64 -26.54 -35.47
C LEU A 298 -28.26 -27.00 -35.92
N GLN A 299 -28.00 -26.96 -37.23
CA GLN A 299 -26.70 -27.36 -37.74
C GLN A 299 -25.58 -26.46 -37.20
N ILE A 300 -25.86 -25.16 -37.11
CA ILE A 300 -24.91 -24.24 -36.51
C ILE A 300 -24.61 -24.65 -35.07
N ILE A 301 -25.65 -25.02 -34.32
CA ILE A 301 -25.46 -25.43 -32.93
C ILE A 301 -24.60 -26.68 -32.85
N ARG A 302 -24.87 -27.67 -33.72
CA ARG A 302 -24.05 -28.88 -33.70
C ARG A 302 -22.61 -28.58 -34.06
N PHE A 303 -22.38 -27.69 -35.02
CA PHE A 303 -21.02 -27.33 -35.38
C PHE A 303 -20.30 -26.65 -34.21
N LEU A 304 -21.00 -25.74 -33.52
CA LEU A 304 -20.39 -25.06 -32.38
C LEU A 304 -20.06 -26.04 -31.27
N LEU A 305 -20.95 -27.03 -31.04
CA LEU A 305 -20.69 -28.02 -30.00
C LEU A 305 -19.57 -28.95 -30.37
N LEU A 306 -19.45 -29.30 -31.66
CA LEU A 306 -18.42 -30.23 -32.10
C LEU A 306 -17.03 -29.63 -31.96
N PHE A 307 -16.89 -28.35 -32.30
CA PHE A 307 -15.61 -27.65 -32.20
C PHE A 307 -15.56 -26.74 -30.97
N SER A 308 -16.23 -27.14 -29.89
CA SER A 308 -16.29 -26.32 -28.69
C SER A 308 -14.99 -26.34 -27.90
N ASN A 309 -14.10 -27.30 -28.18
CA ASN A 309 -12.82 -27.36 -27.49
C ASN A 309 -11.82 -26.35 -28.01
N ILE A 310 -12.21 -25.50 -28.96
CA ILE A 310 -11.34 -24.41 -29.38
C ILE A 310 -11.09 -23.45 -28.23
N ILE A 311 -12.05 -23.34 -27.31
CA ILE A 311 -11.84 -22.69 -26.02
C ILE A 311 -11.76 -23.79 -24.97
N PRO A 312 -10.57 -24.28 -24.63
CA PRO A 312 -10.46 -25.43 -23.73
C PRO A 312 -10.62 -25.05 -22.27
N ILE A 313 -11.25 -25.96 -21.51
CA ILE A 313 -11.33 -25.80 -20.07
C ILE A 313 -9.95 -25.91 -19.45
N SER A 314 -9.04 -26.61 -20.13
CA SER A 314 -7.66 -26.73 -19.64
C SER A 314 -6.99 -25.38 -19.55
N LEU A 315 -7.39 -24.41 -20.37
CA LEU A 315 -6.88 -23.05 -20.22
C LEU A 315 -7.17 -22.50 -18.83
N ARG A 316 -8.43 -22.57 -18.41
CA ARG A 316 -8.82 -22.10 -17.09
C ARG A 316 -8.13 -22.91 -15.99
N VAL A 317 -8.06 -24.23 -16.16
CA VAL A 317 -7.46 -25.07 -15.11
C VAL A 317 -5.98 -24.75 -14.96
N ASN A 318 -5.26 -24.65 -16.08
CA ASN A 318 -3.84 -24.33 -16.03
C ASN A 318 -3.60 -22.94 -15.45
N LEU A 319 -4.44 -21.97 -15.80
CA LEU A 319 -4.26 -20.63 -15.24
C LEU A 319 -4.49 -20.63 -13.73
N ASP A 320 -5.53 -21.34 -13.26
CA ASP A 320 -5.78 -21.42 -11.83
C ASP A 320 -4.62 -22.06 -11.08
N MET A 321 -4.15 -23.21 -11.58
CA MET A 321 -3.04 -23.89 -10.92
C MET A 321 -1.77 -23.05 -10.98
N GLY A 322 -1.56 -22.32 -12.08
CA GLY A 322 -0.41 -21.46 -12.18
C GLY A 322 -0.45 -20.32 -11.18
N LYS A 323 -1.62 -19.73 -10.98
CA LYS A 323 -1.75 -18.70 -9.95
C LYS A 323 -1.49 -19.28 -8.57
N ILE A 324 -1.93 -20.52 -8.34
CA ILE A 324 -1.61 -21.20 -7.08
C ILE A 324 -0.10 -21.31 -6.90
N VAL A 325 0.60 -21.71 -7.96
CA VAL A 325 2.04 -21.87 -7.90
C VAL A 325 2.73 -20.53 -7.63
N TYR A 326 2.28 -19.46 -8.31
CA TYR A 326 2.89 -18.15 -8.12
C TYR A 326 2.72 -17.66 -6.69
N SER A 327 1.53 -17.83 -6.12
CA SER A 327 1.30 -17.39 -4.75
C SER A 327 2.13 -18.23 -3.77
N TRP A 328 2.22 -19.54 -3.99
CA TRP A 328 3.08 -20.38 -3.16
C TRP A 328 4.53 -19.90 -3.22
N VAL A 329 5.02 -19.58 -4.43
CA VAL A 329 6.40 -19.16 -4.57
C VAL A 329 6.63 -17.82 -3.86
N ILE A 330 5.66 -16.91 -3.96
CA ILE A 330 5.81 -15.62 -3.28
C ILE A 330 5.85 -15.81 -1.77
N ARG A 331 4.96 -16.65 -1.23
CA ARG A 331 4.91 -16.84 0.21
C ARG A 331 6.11 -17.59 0.77
N ARG A 332 6.96 -18.18 -0.08
CA ARG A 332 8.11 -18.95 0.39
C ARG A 332 9.44 -18.33 0.01
N ASP A 333 9.46 -17.09 -0.49
CA ASP A 333 10.70 -16.43 -0.84
C ASP A 333 11.33 -15.83 0.42
N SER A 334 12.51 -16.32 0.79
CA SER A 334 13.17 -15.86 2.00
C SER A 334 13.89 -14.53 1.81
N LYS A 335 14.05 -14.06 0.56
CA LYS A 335 14.62 -12.74 0.35
C LYS A 335 13.59 -11.63 0.55
N ILE A 336 12.30 -11.97 0.62
CA ILE A 336 11.26 -11.04 1.03
C ILE A 336 10.40 -11.72 2.09
N PRO A 337 10.97 -12.07 3.24
CA PRO A 337 10.24 -12.93 4.19
C PRO A 337 9.04 -12.23 4.79
N GLY A 338 8.04 -13.04 5.14
CA GLY A 338 6.83 -12.52 5.76
C GLY A 338 5.81 -11.98 4.80
N THR A 339 6.04 -12.08 3.49
CA THR A 339 5.07 -11.58 2.52
C THR A 339 3.82 -12.44 2.53
N VAL A 340 2.66 -11.78 2.58
CA VAL A 340 1.37 -12.46 2.59
C VAL A 340 0.65 -12.14 1.29
N VAL A 341 0.09 -13.17 0.67
CA VAL A 341 -0.73 -13.01 -0.53
C VAL A 341 -2.18 -13.22 -0.13
N ARG A 342 -3.00 -12.20 -0.34
CA ARG A 342 -4.43 -12.27 -0.06
C ARG A 342 -5.27 -12.35 -1.32
N SER A 343 -4.99 -11.51 -2.33
CA SER A 343 -5.65 -11.59 -3.63
C SER A 343 -4.81 -12.51 -4.51
N SER A 344 -5.03 -13.80 -4.31
CA SER A 344 -4.22 -14.84 -4.94
C SER A 344 -4.48 -14.99 -6.44
N THR A 345 -5.50 -14.34 -6.98
CA THR A 345 -5.81 -14.45 -8.40
C THR A 345 -5.16 -13.35 -9.24
N ILE A 346 -4.39 -12.44 -8.64
CA ILE A 346 -3.78 -11.36 -9.42
C ILE A 346 -2.28 -11.22 -9.18
N PRO A 347 -1.47 -12.30 -9.22
CA PRO A 347 -0.02 -12.10 -9.12
C PRO A 347 0.58 -11.48 -10.38
N GLU A 348 -0.07 -11.62 -11.53
CA GLU A 348 0.44 -11.04 -12.77
C GLU A 348 0.30 -9.54 -12.81
N GLN A 349 -0.57 -8.96 -11.99
CA GLN A 349 -0.68 -7.50 -11.93
C GLN A 349 0.63 -6.85 -11.50
N LEU A 350 1.39 -7.53 -10.63
CA LEU A 350 2.65 -6.98 -10.14
C LEU A 350 3.67 -6.78 -11.26
N GLY A 351 3.48 -7.42 -12.41
CA GLY A 351 4.39 -7.28 -13.52
C GLY A 351 4.09 -6.16 -14.49
N ARG A 352 3.01 -5.40 -14.27
CA ARG A 352 2.61 -4.37 -15.23
C ARG A 352 2.20 -3.09 -14.52
N ILE A 353 2.97 -2.68 -13.52
CA ILE A 353 2.64 -1.49 -12.74
C ILE A 353 3.36 -0.29 -13.36
N SER A 354 2.58 0.74 -13.70
CA SER A 354 3.12 1.98 -14.27
C SER A 354 3.24 3.10 -13.26
N TYR A 355 2.29 3.21 -12.34
CA TYR A 355 2.29 4.26 -11.32
C TYR A 355 2.27 3.61 -9.94
N LEU A 356 3.24 3.97 -9.11
CA LEU A 356 3.28 3.54 -7.72
C LEU A 356 2.96 4.73 -6.84
N LEU A 357 1.82 4.68 -6.17
CA LEU A 357 1.39 5.74 -5.27
C LEU A 357 1.73 5.31 -3.85
N THR A 358 2.77 5.91 -3.29
CA THR A 358 3.25 5.49 -1.99
C THR A 358 2.91 6.49 -0.89
N BFD A 359 2.65 5.94 0.28
CA BFD A 359 2.56 6.68 1.54
C BFD A 359 3.95 6.88 2.16
O BFD A 359 5.03 6.29 2.27
CB BFD A 359 1.61 5.88 2.42
CG BFD A 359 1.49 6.44 3.80
OD1 BFD A 359 0.80 7.69 4.02
OD2 BFD A 359 1.97 5.85 4.75
BE BFD A 359 1.19 8.58 5.45
F1 BFD A 359 2.26 9.96 5.35
F2 BFD A 359 0.95 7.78 6.98
F3 BFD A 359 -0.30 9.52 5.43
N LYS A 360 3.90 8.04 2.80
CA LYS A 360 5.11 8.51 3.49
C LYS A 360 5.28 7.93 4.90
N THR A 361 4.45 8.37 5.83
CA THR A 361 4.66 8.04 7.25
C THR A 361 4.41 6.56 7.50
N GLY A 362 5.41 5.87 8.03
CA GLY A 362 5.32 4.46 8.34
C GLY A 362 5.57 3.55 7.17
N THR A 363 5.70 4.07 5.96
CA THR A 363 5.97 3.29 4.77
C THR A 363 7.35 3.58 4.20
N LEU A 364 7.65 4.85 3.93
CA LEU A 364 9.01 5.23 3.57
C LEU A 364 9.87 5.48 4.80
N THR A 365 9.26 5.86 5.92
CA THR A 365 9.98 6.21 7.13
C THR A 365 9.66 5.23 8.24
N GLN A 366 10.50 5.23 9.27
CA GLN A 366 10.29 4.43 10.47
C GLN A 366 9.52 5.19 11.54
N ASN A 367 9.10 6.42 11.26
CA ASN A 367 8.47 7.29 12.26
C ASN A 367 9.37 7.46 13.49
N GLU A 368 10.67 7.59 13.25
CA GLU A 368 11.65 7.87 14.29
C GLU A 368 12.57 8.98 13.78
N MET A 369 12.58 10.11 14.47
CA MET A 369 13.42 11.23 14.09
C MET A 369 14.70 11.25 14.92
N ILE A 370 15.79 11.65 14.29
CA ILE A 370 17.11 11.64 14.92
C ILE A 370 17.82 12.95 14.62
N PHE A 371 18.53 13.47 15.63
CA PHE A 371 19.41 14.61 15.41
C PHE A 371 20.64 14.15 14.66
N LYS A 372 20.98 14.87 13.59
CA LYS A 372 22.07 14.44 12.73
C LYS A 372 23.17 15.47 12.56
N ARG A 373 22.83 16.74 12.45
CA ARG A 373 23.82 17.77 12.14
C ARG A 373 23.69 18.96 13.08
N LEU A 374 24.81 19.40 13.64
CA LEU A 374 24.92 20.67 14.33
C LEU A 374 25.94 21.53 13.60
N HIS A 375 25.51 22.69 13.12
CA HIS A 375 26.36 23.56 12.32
C HIS A 375 26.56 24.88 13.05
N LEU A 376 27.82 25.25 13.25
CA LEU A 376 28.18 26.49 13.93
C LEU A 376 28.72 27.56 12.99
N GLY A 377 28.78 27.27 11.69
CA GLY A 377 29.24 28.25 10.73
C GLY A 377 30.68 28.05 10.31
N THR A 378 31.55 27.79 11.27
CA THR A 378 32.95 27.50 10.99
C THR A 378 33.28 26.01 11.12
N VAL A 379 32.51 25.28 11.92
CA VAL A 379 32.69 23.84 12.08
C VAL A 379 31.30 23.21 12.12
N ALA A 380 31.17 22.05 11.46
CA ALA A 380 29.94 21.27 11.47
C ALA A 380 30.20 19.95 12.18
N TYR A 381 29.24 19.53 12.99
CA TYR A 381 29.35 18.29 13.74
C TYR A 381 28.30 17.30 13.25
N GLY A 382 28.74 16.09 12.90
CA GLY A 382 27.86 15.02 12.49
C GLY A 382 27.78 13.92 13.53
N LEU A 383 27.22 12.80 13.10
CA LEU A 383 27.05 11.67 14.01
C LEU A 383 28.39 11.17 14.54
N ASP A 384 29.43 11.19 13.70
CA ASP A 384 30.74 10.71 14.12
C ASP A 384 31.51 11.73 14.94
N SER A 385 31.08 12.99 14.97
CA SER A 385 31.79 14.05 15.67
C SER A 385 31.07 14.52 16.93
N MET A 386 30.02 13.83 17.37
CA MET A 386 29.33 14.23 18.60
C MET A 386 30.20 14.05 19.83
N ASP A 387 31.25 13.22 19.75
CA ASP A 387 32.18 13.09 20.86
C ASP A 387 32.87 14.43 21.14
N GLU A 388 33.18 15.19 20.09
CA GLU A 388 33.80 16.50 20.28
C GLU A 388 32.85 17.46 20.98
N VAL A 389 31.56 17.44 20.62
CA VAL A 389 30.58 18.29 21.29
C VAL A 389 30.47 17.90 22.76
N GLN A 390 30.42 16.60 23.04
CA GLN A 390 30.37 16.13 24.42
C GLN A 390 31.59 16.59 25.21
N SER A 391 32.78 16.50 24.60
CA SER A 391 33.99 16.93 25.27
C SER A 391 34.01 18.43 25.49
N HIS A 392 33.46 19.21 24.54
CA HIS A 392 33.36 20.65 24.72
C HIS A 392 32.48 20.99 25.91
N ILE A 393 31.32 20.35 26.02
CA ILE A 393 30.43 20.58 27.16
C ILE A 393 31.11 20.17 28.46
N PHE A 394 31.80 19.02 28.43
CA PHE A 394 32.49 18.54 29.62
C PHE A 394 33.56 19.52 30.08
N SER A 395 34.34 20.06 29.14
CA SER A 395 35.35 21.05 29.50
C SER A 395 34.71 22.32 30.03
N ILE A 396 33.61 22.76 29.42
CA ILE A 396 32.94 23.97 29.86
C ILE A 396 32.48 23.84 31.31
N TYR A 397 31.93 22.67 31.66
CA TYR A 397 31.41 22.50 33.02
C TYR A 397 32.44 21.89 33.97
N THR A 398 33.65 21.60 33.50
CA THR A 398 34.75 21.25 34.38
C THR A 398 35.58 22.47 34.77
N GLN A 399 35.75 23.41 33.84
CA GLN A 399 36.54 24.62 34.14
C GLN A 399 35.95 25.39 35.30
N GLN A 400 34.61 25.48 35.37
CA GLN A 400 33.97 26.17 36.48
C GLN A 400 34.30 25.49 37.82
N SER A 401 34.24 24.16 37.85
CA SER A 401 34.70 23.44 39.03
C SER A 401 36.20 23.59 39.23
N GLN A 402 36.96 23.52 38.14
CA GLN A 402 38.42 23.63 38.21
C GLN A 402 38.86 25.08 38.33
N ARG A 418 34.68 33.97 20.44
CA ARG A 418 35.34 33.40 21.61
C ARG A 418 35.85 32.01 21.32
N THR A 419 36.00 31.21 22.37
CA THR A 419 36.47 29.83 22.19
C THR A 419 35.39 28.98 21.53
N MET A 420 35.83 27.88 20.93
CA MET A 420 34.89 26.94 20.33
C MET A 420 33.99 26.31 21.38
N SER A 421 34.55 26.01 22.56
CA SER A 421 33.78 25.38 23.62
C SER A 421 32.62 26.26 24.07
N SER A 422 32.86 27.57 24.20
CA SER A 422 31.80 28.47 24.64
C SER A 422 30.68 28.54 23.62
N ARG A 423 31.00 28.62 22.33
CA ARG A 423 29.97 28.66 21.31
C ARG A 423 29.18 27.36 21.26
N VAL A 424 29.86 26.22 21.37
CA VAL A 424 29.19 24.93 21.43
C VAL A 424 28.24 24.88 22.62
N HIS A 425 28.71 25.34 23.78
CA HIS A 425 27.88 25.32 24.98
C HIS A 425 26.65 26.21 24.84
N GLU A 426 26.82 27.40 24.26
CA GLU A 426 25.68 28.29 24.07
C GLU A 426 24.65 27.67 23.13
N ALA A 427 25.12 27.07 22.02
CA ALA A 427 24.19 26.43 21.10
C ALA A 427 23.45 25.27 21.76
N VAL A 428 24.17 24.44 22.51
CA VAL A 428 23.55 23.29 23.15
C VAL A 428 22.55 23.73 24.21
N LYS A 429 22.90 24.75 25.00
CA LYS A 429 21.96 25.25 26.00
C LYS A 429 20.71 25.84 25.35
N ALA A 430 20.88 26.57 24.24
CA ALA A 430 19.72 27.09 23.52
C ALA A 430 18.82 25.96 23.02
N ILE A 431 19.42 24.90 22.48
CA ILE A 431 18.63 23.77 22.01
C ILE A 431 17.92 23.09 23.19
N ALA A 432 18.59 23.03 24.34
CA ALA A 432 18.01 22.38 25.51
C ALA A 432 16.94 23.23 26.19
N LEU A 433 16.86 24.52 25.90
CA LEU A 433 15.88 25.39 26.52
C LEU A 433 14.74 25.81 25.61
N CYS A 434 15.01 26.10 24.33
CA CYS A 434 14.01 26.67 23.43
C CYS A 434 13.21 25.52 22.79
N HIS A 435 12.13 25.12 23.46
CA HIS A 435 11.28 24.02 23.01
C HIS A 435 10.04 24.01 23.89
N ASN A 436 9.16 23.05 23.62
CA ASN A 436 7.96 22.80 24.42
C ASN A 436 7.91 21.34 24.85
N VAL A 437 9.05 20.80 25.27
CA VAL A 437 9.18 19.40 25.68
C VAL A 437 9.08 19.32 27.19
N THR A 438 8.35 18.32 27.69
CA THR A 438 8.17 18.11 29.11
C THR A 438 8.71 16.74 29.50
N PRO A 439 9.65 16.66 30.45
CA PRO A 439 10.09 15.35 30.92
C PRO A 439 9.00 14.67 31.76
N VAL A 440 8.71 13.42 31.42
CA VAL A 440 7.68 12.64 32.11
C VAL A 440 8.37 11.43 32.73
N TYR A 441 8.16 11.24 34.03
CA TYR A 441 8.77 10.14 34.78
C TYR A 441 7.72 9.08 35.06
N GLU A 442 8.08 7.82 34.82
CA GLU A 442 7.19 6.68 35.00
C GLU A 442 7.78 5.76 36.08
N SER A 443 7.14 4.61 36.25
CA SER A 443 7.50 3.67 37.31
C SER A 443 8.27 2.50 36.72
N ASN A 444 9.45 2.22 37.29
CA ASN A 444 10.26 1.07 36.90
C ASN A 444 10.10 -0.09 37.86
N GLY A 445 8.97 -0.16 38.56
CA GLY A 445 8.72 -1.18 39.54
C GLY A 445 9.23 -0.80 40.92
N VAL A 446 10.55 -0.80 41.10
CA VAL A 446 11.13 -0.46 42.39
C VAL A 446 10.89 1.01 42.72
N THR A 447 11.06 1.90 41.75
CA THR A 447 11.03 3.33 41.98
C THR A 447 9.64 3.88 41.69
N ASP A 448 9.10 4.64 42.65
CA ASP A 448 7.80 5.27 42.48
C ASP A 448 7.90 6.44 41.50
N GLN A 449 6.75 6.80 40.94
CA GLN A 449 6.70 7.93 40.00
C GLN A 449 7.15 9.23 40.66
N ALA A 450 6.87 9.39 41.95
CA ALA A 450 7.36 10.57 42.67
C ALA A 450 8.84 10.48 43.00
N GLU A 451 9.34 9.27 43.27
CA GLU A 451 10.76 9.11 43.57
C GLU A 451 11.62 9.40 42.34
N ALA A 452 11.19 8.94 41.16
CA ALA A 452 11.94 9.22 39.94
C ALA A 452 11.94 10.72 39.63
N GLU A 453 10.81 11.39 39.86
CA GLU A 453 10.73 12.83 39.65
C GLU A 453 11.59 13.61 40.63
N LYS A 454 12.05 12.98 41.71
CA LYS A 454 12.86 13.66 42.71
C LYS A 454 14.36 13.49 42.48
N GLN A 455 14.79 12.29 42.11
CA GLN A 455 16.20 12.02 41.83
C GLN A 455 16.55 12.11 40.36
N TYR A 456 15.58 12.42 39.49
CA TYR A 456 15.81 12.59 38.06
C TYR A 456 16.39 11.32 37.45
N GLU A 457 15.66 10.22 37.61
CA GLU A 457 16.14 8.92 37.14
C GLU A 457 16.07 8.85 35.62
N ASP A 458 17.22 8.58 35.00
CA ASP A 458 17.29 8.55 33.54
C ASP A 458 16.43 7.44 32.95
N SER A 459 16.46 6.26 33.56
CA SER A 459 15.78 5.10 32.99
C SER A 459 14.27 5.25 33.00
N CYS A 460 13.72 6.08 33.89
CA CYS A 460 12.29 6.28 33.99
C CYS A 460 11.81 7.56 33.32
N ARG A 461 12.69 8.28 32.62
CA ARG A 461 12.34 9.56 32.01
C ARG A 461 11.93 9.37 30.56
N VAL A 462 10.79 9.96 30.20
CA VAL A 462 10.30 9.97 28.83
C VAL A 462 10.02 11.42 28.44
N TYR A 463 10.46 11.80 27.24
CA TYR A 463 10.22 13.15 26.74
C TYR A 463 8.95 13.17 25.91
N GLN A 464 8.08 14.13 26.18
CA GLN A 464 6.79 14.23 25.52
C GLN A 464 6.62 15.62 24.94
N ALA A 465 6.23 15.68 23.67
CA ALA A 465 5.93 16.94 23.00
C ALA A 465 5.07 16.64 21.79
N SER A 466 4.38 17.68 21.31
CA SER A 466 3.63 17.53 20.07
C SER A 466 4.57 17.40 18.87
N SER A 467 5.75 18.00 18.94
CA SER A 467 6.71 17.98 17.84
C SER A 467 7.76 16.91 18.10
N PRO A 468 7.81 15.84 17.30
CA PRO A 468 8.90 14.86 17.48
C PRO A 468 10.28 15.39 17.20
N ASP A 469 10.41 16.44 16.37
CA ASP A 469 11.71 17.07 16.15
C ASP A 469 12.26 17.65 17.44
N GLU A 470 11.41 18.30 18.23
CA GLU A 470 11.83 18.84 19.52
C GLU A 470 12.27 17.72 20.46
N VAL A 471 11.55 16.60 20.44
CA VAL A 471 11.93 15.45 21.26
C VAL A 471 13.31 14.94 20.84
N ALA A 472 13.56 14.85 19.54
CA ALA A 472 14.87 14.43 19.07
C ALA A 472 15.97 15.40 19.51
N LEU A 473 15.70 16.70 19.45
CA LEU A 473 16.67 17.69 19.90
C LEU A 473 17.00 17.53 21.38
N VAL A 474 15.96 17.34 22.20
CA VAL A 474 16.18 17.21 23.64
C VAL A 474 16.92 15.91 23.96
N GLN A 475 16.58 14.83 23.27
CA GLN A 475 17.30 13.57 23.44
C GLN A 475 18.76 13.73 23.07
N TRP A 476 19.05 14.46 21.99
CA TRP A 476 20.44 14.69 21.61
C TRP A 476 21.18 15.51 22.65
N THR A 477 20.54 16.56 23.19
CA THR A 477 21.21 17.34 24.23
C THR A 477 21.49 16.48 25.45
N GLU A 478 20.59 15.54 25.76
CA GLU A 478 20.86 14.55 26.79
C GLU A 478 22.09 13.71 26.46
N SER A 479 22.19 13.25 25.21
CA SER A 479 23.34 12.43 24.81
C SER A 479 24.65 13.20 24.83
N VAL A 480 24.61 14.53 24.89
CA VAL A 480 25.82 15.33 24.82
C VAL A 480 26.27 15.87 26.18
N GLY A 481 25.36 15.98 27.15
CA GLY A 481 25.76 16.39 28.48
C GLY A 481 24.78 17.28 29.21
N LEU A 482 23.97 18.04 28.46
CA LEU A 482 22.97 18.93 29.05
C LEU A 482 21.61 18.24 29.00
N THR A 483 21.14 17.77 30.14
CA THR A 483 19.93 16.97 30.23
C THR A 483 18.78 17.81 30.74
N LEU A 484 17.64 17.75 30.06
CA LEU A 484 16.40 18.34 30.53
C LEU A 484 15.75 17.36 31.50
N VAL A 485 15.77 17.68 32.79
CA VAL A 485 15.29 16.77 33.82
C VAL A 485 13.94 17.18 34.39
N GLY A 486 13.53 18.43 34.24
CA GLY A 486 12.25 18.86 34.77
C GLY A 486 11.76 20.08 34.03
N ARG A 487 10.43 20.21 33.94
CA ARG A 487 9.81 21.36 33.32
C ARG A 487 8.43 21.58 33.91
N ASP A 488 8.10 22.83 34.18
CA ASP A 488 6.78 23.24 34.65
C ASP A 488 6.25 24.30 33.70
N GLN A 489 5.13 24.92 34.09
CA GLN A 489 4.61 26.04 33.31
C GLN A 489 5.48 27.28 33.43
N SER A 490 6.26 27.38 34.50
CA SER A 490 7.08 28.56 34.74
C SER A 490 8.54 28.25 35.04
N SER A 491 8.94 26.98 35.08
CA SER A 491 10.30 26.62 35.45
C SER A 491 10.82 25.53 34.52
N MET A 492 12.14 25.47 34.40
CA MET A 492 12.82 24.44 33.63
C MET A 492 14.13 24.11 34.32
N GLN A 493 14.46 22.83 34.39
CA GLN A 493 15.65 22.36 35.07
C GLN A 493 16.54 21.60 34.09
N LEU A 494 17.83 21.89 34.14
CA LEU A 494 18.84 21.22 33.33
C LEU A 494 19.90 20.60 34.22
N ARG A 495 20.36 19.40 33.87
CA ARG A 495 21.40 18.72 34.61
C ARG A 495 22.72 18.80 33.84
N THR A 496 23.75 19.29 34.50
CA THR A 496 25.07 19.46 33.89
C THR A 496 25.83 18.14 33.92
N PRO A 497 26.95 18.04 33.19
CA PRO A 497 27.80 16.85 33.32
C PRO A 497 28.34 16.64 34.73
N GLY A 498 28.34 17.67 35.57
CA GLY A 498 28.75 17.52 36.95
C GLY A 498 27.61 17.21 37.89
N ASP A 499 26.49 16.74 37.33
CA ASP A 499 25.30 16.37 38.09
C ASP A 499 24.74 17.55 38.88
N GLN A 500 24.92 18.76 38.37
CA GLN A 500 24.39 19.96 38.99
C GLN A 500 23.17 20.45 38.23
N ILE A 501 22.14 20.86 38.96
CA ILE A 501 20.87 21.28 38.38
C ILE A 501 20.87 22.79 38.20
N LEU A 502 20.62 23.25 36.98
CA LEU A 502 20.44 24.66 36.68
C LEU A 502 18.94 24.95 36.57
N ASN A 503 18.46 25.90 37.35
CA ASN A 503 17.04 26.27 37.34
C ASN A 503 16.85 27.50 36.47
N PHE A 504 15.87 27.42 35.56
CA PHE A 504 15.53 28.51 34.67
C PHE A 504 14.07 28.88 34.85
N THR A 505 13.77 30.17 34.85
CA THR A 505 12.42 30.67 35.02
C THR A 505 11.88 31.09 33.65
N ILE A 506 10.75 30.50 33.27
CA ILE A 506 10.13 30.80 31.98
C ILE A 506 9.33 32.08 32.10
N LEU A 507 9.96 33.22 31.81
CA LEU A 507 9.26 34.49 31.91
C LEU A 507 8.16 34.60 30.85
N GLN A 508 8.49 34.32 29.60
CA GLN A 508 7.53 34.34 28.50
C GLN A 508 7.80 33.16 27.59
N ILE A 509 6.75 32.70 26.93
CA ILE A 509 6.86 31.65 25.91
C ILE A 509 5.97 32.02 24.74
N PHE A 510 6.49 31.79 23.52
CA PHE A 510 5.76 32.07 22.28
C PHE A 510 5.64 30.75 21.53
N PRO A 511 4.54 30.02 21.72
CA PRO A 511 4.46 28.67 21.17
C PRO A 511 4.48 28.66 19.65
N PHE A 512 4.97 27.54 19.10
CA PHE A 512 5.08 27.40 17.66
C PHE A 512 3.70 27.41 17.01
N THR A 513 3.60 28.10 15.88
CA THR A 513 2.44 28.03 15.01
C THR A 513 2.92 27.79 13.59
N TYR A 514 2.11 27.05 12.82
CA TYR A 514 2.52 26.72 11.46
C TYR A 514 2.51 27.93 10.55
N GLU A 515 1.87 29.02 10.96
CA GLU A 515 1.90 30.25 10.18
C GLU A 515 3.17 31.06 10.46
N SER A 516 3.59 31.14 11.71
CA SER A 516 4.82 31.85 12.04
C SER A 516 6.06 31.03 11.72
N LYS A 517 5.95 29.69 11.78
CA LYS A 517 7.06 28.79 11.47
C LYS A 517 8.26 29.03 12.38
N ARG A 518 8.03 29.50 13.59
CA ARG A 518 9.10 29.72 14.54
C ARG A 518 8.53 29.67 15.95
N MET A 519 9.42 29.51 16.93
CA MET A 519 9.05 29.37 18.32
C MET A 519 10.08 30.08 19.18
N GLY A 520 9.61 30.78 20.21
CA GLY A 520 10.49 31.55 21.06
C GLY A 520 10.19 31.33 22.53
N ILE A 521 11.15 31.70 23.37
CA ILE A 521 11.00 31.60 24.81
C ILE A 521 11.93 32.62 25.45
N ILE A 522 11.50 33.15 26.60
CA ILE A 522 12.31 34.05 27.40
C ILE A 522 12.52 33.39 28.76
N VAL A 523 13.79 33.23 29.16
CA VAL A 523 14.13 32.56 30.40
C VAL A 523 15.08 33.44 31.20
N ARG A 524 15.09 33.21 32.52
CA ARG A 524 16.04 33.83 33.42
C ARG A 524 16.83 32.75 34.13
N ASP A 525 18.15 32.84 34.08
CA ASP A 525 19.02 31.88 34.73
C ASP A 525 19.16 32.27 36.20
N GLU A 526 18.60 31.43 37.09
CA GLU A 526 18.59 31.79 38.50
C GLU A 526 19.98 31.75 39.11
N SER A 527 20.88 30.93 38.58
CA SER A 527 22.24 30.88 39.09
C SER A 527 23.00 32.16 38.81
N THR A 528 22.58 32.96 37.83
CA THR A 528 23.25 34.19 37.47
C THR A 528 22.34 35.41 37.40
N GLY A 529 21.05 35.24 37.15
CA GLY A 529 20.11 36.35 37.10
C GLY A 529 19.89 36.96 35.73
N GLU A 530 20.68 36.57 34.72
CA GLU A 530 20.56 37.17 33.40
C GLU A 530 19.34 36.64 32.66
N ILE A 531 18.71 37.52 31.88
CA ILE A 531 17.53 37.19 31.08
C ILE A 531 17.97 36.97 29.64
N THR A 532 17.48 35.89 29.04
CA THR A 532 17.83 35.55 27.67
C THR A 532 16.57 35.21 26.88
N PHE A 533 16.50 35.73 25.65
CA PHE A 533 15.42 35.42 24.73
C PHE A 533 15.97 34.47 23.66
N TYR A 534 15.37 33.29 23.57
CA TYR A 534 15.77 32.27 22.61
C TYR A 534 14.70 32.12 21.54
N MET A 535 15.13 31.91 20.30
CA MET A 535 14.21 31.69 19.20
C MET A 535 14.79 30.65 18.25
N LYS A 536 13.93 29.74 17.80
CA LYS A 536 14.28 28.81 16.74
C LYS A 536 13.14 28.74 15.74
N GLY A 537 13.50 28.53 14.47
CA GLY A 537 12.49 28.50 13.43
C GLY A 537 13.10 28.18 12.10
N ALA A 538 12.25 28.20 11.06
CA ALA A 538 12.68 27.90 9.71
C ALA A 538 13.61 28.99 9.18
N ASP A 539 14.40 28.63 8.18
CA ASP A 539 15.40 29.55 7.65
C ASP A 539 14.74 30.77 7.01
N VAL A 540 13.59 30.58 6.36
CA VAL A 540 12.95 31.68 5.63
C VAL A 540 12.55 32.80 6.57
N VAL A 541 12.02 32.46 7.75
CA VAL A 541 11.59 33.48 8.69
C VAL A 541 12.74 33.98 9.57
N MET A 542 13.71 33.11 9.88
CA MET A 542 14.81 33.47 10.77
C MET A 542 15.97 34.16 10.07
N ALA A 543 15.98 34.20 8.73
CA ALA A 543 17.09 34.84 8.02
C ALA A 543 17.18 36.32 8.35
N GLY A 544 16.03 37.01 8.40
CA GLY A 544 16.03 38.43 8.69
C GLY A 544 16.03 38.76 10.17
N ILE A 545 15.61 37.79 10.99
CA ILE A 545 15.56 38.02 12.43
C ILE A 545 16.96 38.10 13.02
N VAL A 546 17.86 37.23 12.57
CA VAL A 546 19.22 37.19 13.10
C VAL A 546 20.03 38.34 12.53
N GLN A 547 21.20 38.58 13.12
CA GLN A 547 22.11 39.61 12.64
C GLN A 547 22.67 39.23 11.27
N TYR A 548 23.48 40.11 10.71
CA TYR A 548 24.09 39.82 9.41
C TYR A 548 25.11 38.70 9.52
N ASN A 549 25.09 37.80 8.55
CA ASN A 549 26.00 36.68 8.49
C ASN A 549 26.12 36.25 7.03
N ASP A 550 27.14 35.44 6.75
CA ASP A 550 27.44 35.03 5.38
C ASP A 550 27.28 33.53 5.15
N TRP A 551 26.66 32.81 6.09
CA TRP A 551 26.59 31.36 5.98
C TRP A 551 25.24 30.75 6.28
N LEU A 552 24.24 31.54 6.71
CA LEU A 552 22.94 30.96 7.01
C LEU A 552 22.29 30.37 5.75
N GLU A 553 22.23 31.16 4.68
CA GLU A 553 21.49 30.72 3.49
C GLU A 553 22.15 29.52 2.83
N GLU A 554 23.47 29.56 2.66
CA GLU A 554 24.17 28.48 1.96
C GLU A 554 24.12 27.19 2.77
N GLU A 555 24.40 27.26 4.07
CA GLU A 555 24.43 26.07 4.89
C GLU A 555 23.03 25.49 5.06
N CYS A 556 22.03 26.36 5.20
CA CYS A 556 20.64 25.89 5.25
C CYS A 556 20.26 25.20 3.96
N GLY A 557 20.66 25.75 2.81
CA GLY A 557 20.39 25.10 1.55
C GLY A 557 21.04 23.74 1.45
N ASN A 558 22.31 23.63 1.84
CA ASN A 558 22.99 22.35 1.79
C ASN A 558 22.32 21.31 2.70
N MET A 559 21.97 21.72 3.92
CA MET A 559 21.37 20.81 4.87
C MET A 559 19.98 20.38 4.41
N ALA A 560 19.20 21.30 3.83
CA ALA A 560 17.91 20.93 3.27
C ALA A 560 18.07 19.99 2.08
N ARG A 561 19.08 20.24 1.25
CA ARG A 561 19.35 19.34 0.13
C ARG A 561 19.71 17.94 0.60
N GLU A 562 20.36 17.83 1.76
CA GLU A 562 20.64 16.51 2.33
C GLU A 562 19.38 15.80 2.80
N GLY A 563 18.24 16.49 2.85
CA GLY A 563 17.01 15.89 3.33
C GLY A 563 16.71 16.12 4.78
N LEU A 564 17.41 17.04 5.43
CA LEU A 564 17.23 17.30 6.85
C LEU A 564 16.20 18.39 7.08
N ARG A 565 15.54 18.32 8.23
CA ARG A 565 14.67 19.40 8.71
C ARG A 565 15.55 20.40 9.43
N VAL A 566 15.66 21.61 8.87
CA VAL A 566 16.63 22.60 9.31
C VAL A 566 15.94 23.62 10.20
N LEU A 567 16.56 23.93 11.33
CA LEU A 567 16.10 24.98 12.22
C LEU A 567 17.24 25.95 12.49
N VAL A 568 16.93 27.24 12.48
CA VAL A 568 17.88 28.29 12.81
C VAL A 568 17.65 28.67 14.26
N VAL A 569 18.70 28.57 15.08
CA VAL A 569 18.60 28.84 16.51
C VAL A 569 19.30 30.17 16.78
N ALA A 570 18.57 31.10 17.41
CA ALA A 570 19.06 32.45 17.66
C ALA A 570 18.93 32.77 19.14
N LYS A 571 19.59 33.85 19.54
CA LYS A 571 19.63 34.25 20.94
C LYS A 571 19.78 35.76 21.04
N LYS A 572 19.06 36.36 21.99
CA LYS A 572 19.14 37.80 22.23
C LYS A 572 19.16 38.03 23.73
N SER A 573 20.29 38.52 24.25
CA SER A 573 20.39 38.84 25.67
C SER A 573 19.59 40.10 25.97
N LEU A 574 18.75 40.04 27.00
CA LEU A 574 17.85 41.13 27.34
C LEU A 574 18.25 41.73 28.67
N ALA A 575 18.43 43.05 28.69
CA ALA A 575 18.62 43.75 29.95
C ALA A 575 17.33 43.77 30.75
N GLU A 576 17.46 43.97 32.06
CA GLU A 576 16.29 43.94 32.93
C GLU A 576 15.28 45.01 32.54
N GLU A 577 15.74 46.23 32.27
CA GLU A 577 14.85 47.31 31.88
C GLU A 577 14.19 47.01 30.53
N GLN A 578 14.94 46.42 29.60
CA GLN A 578 14.35 46.03 28.33
C GLN A 578 13.24 45.01 28.54
N TYR A 579 13.46 44.03 29.41
CA TYR A 579 12.41 43.06 29.69
C TYR A 579 11.20 43.71 30.35
N GLN A 580 11.43 44.65 31.27
CA GLN A 580 10.28 45.32 31.89
C GLN A 580 9.47 46.09 30.87
N ASP A 581 10.13 46.80 29.96
CA ASP A 581 9.42 47.54 28.93
C ASP A 581 8.62 46.58 28.03
N PHE A 582 9.27 45.49 27.59
CA PHE A 582 8.58 44.54 26.74
C PHE A 582 7.41 43.90 27.47
N GLU A 583 7.58 43.57 28.76
CA GLU A 583 6.51 42.95 29.53
C GLU A 583 5.34 43.89 29.68
N ALA A 584 5.62 45.18 29.94
CA ALA A 584 4.53 46.15 30.03
C ALA A 584 3.77 46.25 28.72
N ARG A 585 4.48 46.35 27.60
CA ARG A 585 3.81 46.47 26.31
C ARG A 585 3.04 45.19 25.97
N TYR A 586 3.61 44.03 26.30
CA TYR A 586 2.96 42.75 26.03
C TYR A 586 1.69 42.60 26.85
N VAL A 587 1.74 42.96 28.14
CA VAL A 587 0.54 42.90 28.97
C VAL A 587 -0.52 43.86 28.45
N GLN A 588 -0.11 45.07 28.07
CA GLN A 588 -1.06 46.04 27.52
C GLN A 588 -1.72 45.50 26.27
N ALA A 589 -0.95 44.88 25.38
CA ALA A 589 -1.52 44.28 24.17
C ALA A 589 -2.46 43.13 24.48
N LYS A 590 -2.12 42.31 25.49
CA LYS A 590 -2.93 41.14 25.80
C LYS A 590 -4.24 41.50 26.47
N LEU A 591 -4.24 42.48 27.37
CA LEU A 591 -5.48 42.86 28.04
C LEU A 591 -6.47 43.51 27.08
N SER A 592 -6.00 44.04 25.96
CA SER A 592 -6.90 44.64 24.99
C SER A 592 -7.73 43.57 24.29
N VAL A 593 -8.85 44.00 23.72
CA VAL A 593 -9.76 43.10 23.03
C VAL A 593 -9.81 43.35 21.53
N HIS A 594 -9.41 44.54 21.07
CA HIS A 594 -9.44 44.86 19.65
C HIS A 594 -8.12 44.48 19.00
N ASP A 595 -8.18 43.53 18.06
CA ASP A 595 -7.00 43.05 17.35
C ASP A 595 -5.93 42.58 18.32
N ARG A 596 -6.35 41.73 19.27
CA ARG A 596 -5.41 41.23 20.27
C ARG A 596 -4.28 40.44 19.62
N SER A 597 -4.59 39.56 18.68
CA SER A 597 -3.56 38.79 17.99
C SER A 597 -2.60 39.71 17.24
N LEU A 598 -3.15 40.71 16.54
CA LEU A 598 -2.31 41.60 15.73
C LEU A 598 -1.45 42.51 16.58
N LYS A 599 -1.99 43.06 17.67
CA LYS A 599 -1.19 43.89 18.55
C LYS A 599 -0.11 43.06 19.26
N VAL A 600 -0.46 41.85 19.68
CA VAL A 600 0.52 40.96 20.28
C VAL A 600 1.62 40.63 19.28
N ALA A 601 1.26 40.44 18.01
CA ALA A 601 2.26 40.22 16.97
C ALA A 601 3.14 41.45 16.80
N THR A 602 2.55 42.64 16.81
CA THR A 602 3.38 43.84 16.71
C THR A 602 4.42 43.86 17.81
N VAL A 603 4.00 43.54 19.04
CA VAL A 603 4.94 43.55 20.17
C VAL A 603 6.02 42.47 20.02
N ILE A 604 5.61 41.24 19.66
CA ILE A 604 6.58 40.13 19.67
C ILE A 604 7.59 40.28 18.54
N GLU A 605 7.14 40.53 17.31
CA GLU A 605 8.09 40.83 16.23
C GLU A 605 8.73 42.20 16.35
N SER A 606 8.29 43.04 17.28
CA SER A 606 9.15 44.14 17.68
C SER A 606 10.31 43.67 18.54
N LEU A 607 10.08 42.66 19.38
CA LEU A 607 11.16 42.06 20.16
C LEU A 607 12.12 41.25 19.28
N GLU A 608 11.62 40.64 18.21
CA GLU A 608 12.44 39.73 17.38
C GLU A 608 13.24 40.54 16.36
N MET A 609 14.43 40.96 16.75
CA MET A 609 15.31 41.65 15.81
C MET A 609 16.75 41.60 16.32
N GLU A 610 17.68 41.62 15.37
CA GLU A 610 19.12 41.69 15.64
C GLU A 610 19.57 40.57 16.58
N MET A 611 18.98 39.39 16.42
CA MET A 611 19.32 38.27 17.28
C MET A 611 20.65 37.65 16.87
N GLU A 612 21.37 37.13 17.85
CA GLU A 612 22.67 36.52 17.61
C GLU A 612 22.47 35.08 17.11
N LEU A 613 23.00 34.79 15.93
CA LEU A 613 22.85 33.47 15.33
C LEU A 613 23.78 32.48 16.04
N LEU A 614 23.18 31.44 16.62
CA LEU A 614 23.94 30.45 17.39
C LEU A 614 24.34 29.24 16.58
N CYS A 615 23.38 28.60 15.90
CA CYS A 615 23.66 27.35 15.20
C CYS A 615 22.51 27.04 14.26
N LEU A 616 22.75 26.07 13.38
CA LEU A 616 21.72 25.41 12.59
C LEU A 616 21.64 23.95 13.02
N THR A 617 20.43 23.44 13.15
CA THR A 617 20.20 22.06 13.55
C THR A 617 19.62 21.28 12.37
N GLY A 618 20.04 20.02 12.26
CA GLY A 618 19.51 19.14 11.24
C GLY A 618 18.93 17.88 11.82
N VAL A 619 17.64 17.67 11.64
CA VAL A 619 16.93 16.50 12.15
C VAL A 619 16.45 15.67 10.97
N GLU A 620 16.68 14.36 11.04
CA GLU A 620 16.30 13.43 9.99
C GLU A 620 15.14 12.56 10.46
N ASP A 621 14.12 12.46 9.62
CA ASP A 621 13.10 11.43 9.77
C ASP A 621 13.63 10.17 9.10
N GLN A 622 14.02 9.18 9.90
CA GLN A 622 14.77 8.05 9.39
C GLN A 622 13.96 7.22 8.41
N LEU A 623 14.56 6.93 7.26
CA LEU A 623 13.93 6.09 6.26
C LEU A 623 14.01 4.62 6.68
N GLN A 624 13.11 3.83 6.12
CA GLN A 624 13.20 2.39 6.28
C GLN A 624 14.40 1.86 5.51
N ALA A 625 14.72 0.59 5.74
CA ALA A 625 15.90 -0.01 5.13
C ALA A 625 15.78 -0.03 3.60
N ASP A 626 16.85 0.40 2.93
CA ASP A 626 16.99 0.32 1.48
C ASP A 626 15.88 1.06 0.73
N VAL A 627 15.41 2.17 1.29
CA VAL A 627 14.37 2.94 0.61
C VAL A 627 14.91 3.61 -0.64
N ARG A 628 16.09 4.24 -0.54
CA ARG A 628 16.68 4.88 -1.70
C ARG A 628 16.98 3.91 -2.84
N PRO A 629 17.64 2.76 -2.61
CA PRO A 629 17.81 1.81 -3.72
C PRO A 629 16.50 1.31 -4.29
N THR A 630 15.49 1.09 -3.44
CA THR A 630 14.20 0.61 -3.93
C THR A 630 13.54 1.63 -4.84
N LEU A 631 13.55 2.91 -4.43
CA LEU A 631 12.98 3.96 -5.26
C LEU A 631 13.75 4.12 -6.55
N GLU A 632 15.08 4.02 -6.50
CA GLU A 632 15.87 4.11 -7.71
C GLU A 632 15.56 2.95 -8.65
N THR A 633 15.40 1.74 -8.11
CA THR A 633 15.05 0.58 -8.92
C THR A 633 13.69 0.77 -9.58
N LEU A 634 12.70 1.27 -8.82
CA LEU A 634 11.40 1.54 -9.40
C LEU A 634 11.48 2.59 -10.51
N ARG A 635 12.27 3.63 -10.29
CA ARG A 635 12.42 4.68 -11.30
C ARG A 635 13.07 4.14 -12.57
N ASN A 636 14.11 3.33 -12.43
CA ASN A 636 14.81 2.78 -13.59
C ASN A 636 13.96 1.79 -14.36
N ALA A 637 12.95 1.20 -13.72
CA ALA A 637 12.06 0.26 -14.38
C ALA A 637 10.95 0.92 -15.17
N GLY A 638 10.87 2.25 -15.15
CA GLY A 638 9.82 2.97 -15.84
C GLY A 638 8.57 3.22 -15.03
N ILE A 639 8.63 3.05 -13.72
CA ILE A 639 7.48 3.25 -12.84
C ILE A 639 7.54 4.66 -12.28
N LYS A 640 6.44 5.41 -12.44
CA LYS A 640 6.31 6.71 -11.81
C LYS A 640 5.88 6.54 -10.37
N VAL A 641 6.56 7.23 -9.46
CA VAL A 641 6.29 7.13 -8.02
C VAL A 641 5.75 8.46 -7.53
N TRP A 642 4.56 8.43 -6.96
CA TRP A 642 3.95 9.60 -6.32
C TRP A 642 3.85 9.36 -4.82
N MET A 643 4.07 10.42 -4.05
CA MET A 643 3.96 10.37 -2.60
C MET A 643 2.64 11.03 -2.19
N LEU A 644 1.74 10.23 -1.63
CA LEU A 644 0.45 10.71 -1.12
C LEU A 644 0.47 10.54 0.39
N THR A 645 0.48 11.65 1.11
CA THR A 645 0.64 11.61 2.56
C THR A 645 -0.38 12.53 3.22
N GLY A 646 -0.85 12.11 4.39
CA GLY A 646 -1.65 13.00 5.22
C GLY A 646 -0.84 13.97 6.05
N ASP A 647 0.47 13.83 6.08
CA ASP A 647 1.34 14.70 6.85
C ASP A 647 1.51 16.05 6.14
N LYS A 648 2.19 16.96 6.82
CA LYS A 648 2.25 18.34 6.38
C LYS A 648 3.36 18.57 5.35
N LEU A 649 3.38 19.79 4.80
CA LEU A 649 4.20 20.08 3.63
C LEU A 649 5.69 19.94 3.92
N GLU A 650 6.16 20.51 5.03
CA GLU A 650 7.60 20.57 5.29
C GLU A 650 8.19 19.17 5.47
N THR A 651 7.55 18.35 6.31
CA THR A 651 8.05 16.99 6.53
C THR A 651 7.99 16.17 5.25
N ALA A 652 6.92 16.32 4.47
CA ALA A 652 6.80 15.58 3.23
C ALA A 652 7.90 15.95 2.26
N THR A 653 8.19 17.25 2.12
CA THR A 653 9.26 17.68 1.24
C THR A 653 10.62 17.18 1.73
N CYS A 654 10.86 17.24 3.04
CA CYS A 654 12.12 16.77 3.59
C CYS A 654 12.31 15.28 3.33
N THR A 655 11.27 14.48 3.54
CA THR A 655 11.36 13.04 3.29
C THR A 655 11.53 12.76 1.80
N ALA A 656 10.84 13.51 0.94
CA ALA A 656 10.98 13.31 -0.50
C ALA A 656 12.42 13.57 -0.95
N LYS A 657 13.05 14.62 -0.40
CA LYS A 657 14.45 14.85 -0.73
C LYS A 657 15.35 13.77 -0.11
N ASN A 658 15.07 13.35 1.11
CA ASN A 658 15.91 12.37 1.79
C ASN A 658 15.83 11.01 1.10
N ALA A 659 14.63 10.60 0.67
CA ALA A 659 14.44 9.33 0.00
C ALA A 659 14.86 9.36 -1.47
N HIS A 660 15.28 10.53 -1.97
CA HIS A 660 15.59 10.74 -3.39
C HIS A 660 14.37 10.48 -4.27
N LEU A 661 13.18 10.74 -3.74
CA LEU A 661 12.00 10.83 -4.59
C LEU A 661 12.15 11.98 -5.58
N VAL A 662 12.84 13.05 -5.17
CA VAL A 662 13.24 14.13 -6.05
C VAL A 662 14.76 14.14 -6.12
N THR A 663 15.30 14.35 -7.32
CA THR A 663 16.73 14.37 -7.51
C THR A 663 17.35 15.57 -6.79
N ARG A 664 18.64 15.43 -6.45
CA ARG A 664 19.32 16.46 -5.66
C ARG A 664 19.32 17.80 -6.37
N ASN A 665 19.57 17.81 -7.68
CA ASN A 665 19.60 19.03 -8.48
C ASN A 665 18.35 19.17 -9.33
N GLN A 666 17.20 18.77 -8.81
CA GLN A 666 15.94 18.81 -9.54
C GLN A 666 15.06 19.93 -8.99
N ASP A 667 14.47 20.71 -9.89
CA ASP A 667 13.58 21.79 -9.48
C ASP A 667 12.31 21.25 -8.85
N ILE A 668 11.84 21.94 -7.82
CA ILE A 668 10.62 21.57 -7.12
C ILE A 668 9.69 22.77 -7.13
N HIS A 669 8.46 22.57 -7.61
CA HIS A 669 7.44 23.61 -7.62
C HIS A 669 6.46 23.34 -6.49
N VAL A 670 6.36 24.28 -5.55
CA VAL A 670 5.42 24.18 -4.45
C VAL A 670 4.16 24.93 -4.84
N PHE A 671 3.10 24.18 -5.09
CA PHE A 671 1.81 24.76 -5.45
C PHE A 671 1.34 25.70 -4.35
N ARG A 672 0.93 26.91 -4.73
CA ARG A 672 0.49 27.87 -3.75
C ARG A 672 -0.97 27.60 -3.35
N LEU A 673 -1.38 28.22 -2.26
CA LEU A 673 -2.75 28.10 -1.78
C LEU A 673 -3.70 28.72 -2.80
N VAL A 674 -4.61 27.91 -3.34
CA VAL A 674 -5.65 28.37 -4.24
C VAL A 674 -7.00 28.02 -3.64
N THR A 675 -7.95 28.94 -3.77
CA THR A 675 -9.28 28.76 -3.20
C THR A 675 -10.41 28.80 -4.21
N ASN A 676 -10.18 29.31 -5.41
CA ASN A 676 -11.22 29.40 -6.42
C ASN A 676 -10.65 29.05 -7.78
N ARG A 677 -11.50 29.14 -8.81
CA ARG A 677 -11.13 28.69 -10.15
C ARG A 677 -10.00 29.54 -10.73
N GLY A 678 -10.06 30.85 -10.56
CA GLY A 678 -9.07 31.72 -11.17
C GLY A 678 -7.68 31.51 -10.62
N GLU A 679 -7.55 31.40 -9.29
CA GLU A 679 -6.25 31.16 -8.68
C GLU A 679 -5.69 29.80 -9.11
N ALA A 680 -6.55 28.79 -9.19
CA ALA A 680 -6.11 27.47 -9.62
C ALA A 680 -5.59 27.52 -11.05
N HIS A 681 -6.32 28.22 -11.94
CA HIS A 681 -5.87 28.33 -13.32
C HIS A 681 -4.55 29.09 -13.41
N LEU A 682 -4.40 30.16 -12.63
CA LEU A 682 -3.15 30.93 -12.65
C LEU A 682 -1.97 30.06 -12.21
N GLU A 683 -2.12 29.33 -11.11
CA GLU A 683 -1.02 28.52 -10.62
C GLU A 683 -0.76 27.32 -11.53
N LEU A 684 -1.80 26.78 -12.17
CA LEU A 684 -1.60 25.71 -13.14
C LEU A 684 -0.80 26.20 -14.33
N ASN A 685 -1.09 27.41 -14.83
CA ASN A 685 -0.28 27.99 -15.90
C ASN A 685 1.16 28.20 -15.43
N ALA A 686 1.32 28.71 -14.21
CA ALA A 686 2.66 28.93 -13.67
C ALA A 686 3.46 27.64 -13.63
N PHE A 687 2.84 26.55 -13.20
CA PHE A 687 3.54 25.27 -13.18
C PHE A 687 3.77 24.72 -14.58
N ARG A 688 2.82 24.95 -15.49
CA ARG A 688 2.99 24.52 -16.88
C ARG A 688 4.18 25.20 -17.52
N ARG A 689 4.52 26.41 -17.07
CA ARG A 689 5.66 27.12 -17.63
C ARG A 689 7.00 26.48 -17.27
N LYS A 690 7.03 25.50 -16.36
CA LYS A 690 8.26 24.86 -15.92
C LYS A 690 8.46 23.52 -16.59
N HIS A 691 9.70 23.04 -16.54
CA HIS A 691 10.08 21.78 -17.16
C HIS A 691 10.95 20.98 -16.20
N ASP A 692 10.76 19.66 -16.19
CA ASP A 692 11.51 18.74 -15.33
C ASP A 692 11.40 19.11 -13.85
N CYS A 693 10.26 19.68 -13.47
CA CYS A 693 10.05 20.18 -12.12
C CYS A 693 9.11 19.26 -11.37
N ALA A 694 9.50 18.86 -10.16
CA ALA A 694 8.62 18.07 -9.31
C ALA A 694 7.49 18.94 -8.77
N LEU A 695 6.37 18.30 -8.46
CA LEU A 695 5.18 19.00 -8.00
C LEU A 695 4.90 18.64 -6.55
N VAL A 696 4.71 19.65 -5.72
CA VAL A 696 4.29 19.49 -4.33
C VAL A 696 3.03 20.33 -4.13
N ILE A 697 1.96 19.67 -3.73
CA ILE A 697 0.64 20.31 -3.62
C ILE A 697 -0.07 19.79 -2.38
N SER A 698 -0.83 20.66 -1.73
CA SER A 698 -1.60 20.31 -0.55
C SER A 698 -2.99 19.81 -0.93
N GLY A 699 -3.69 19.26 0.06
CA GLY A 699 -4.96 18.61 -0.20
C GLY A 699 -6.06 19.55 -0.65
N ASP A 700 -6.10 20.76 -0.09
CA ASP A 700 -7.18 21.70 -0.43
C ASP A 700 -6.96 22.31 -1.82
N SER A 701 -5.71 22.69 -2.14
CA SER A 701 -5.42 23.14 -3.49
C SER A 701 -5.69 22.04 -4.49
N LEU A 702 -5.34 20.80 -4.13
CA LEU A 702 -5.67 19.66 -4.98
C LEU A 702 -7.17 19.52 -5.17
N GLU A 703 -7.94 19.73 -4.10
CA GLU A 703 -9.39 19.67 -4.20
C GLU A 703 -9.91 20.69 -5.21
N VAL A 704 -9.42 21.93 -5.11
CA VAL A 704 -9.87 22.97 -6.03
C VAL A 704 -9.49 22.62 -7.46
N CYS A 705 -8.24 22.20 -7.67
CA CYS A 705 -7.76 21.89 -9.01
C CYS A 705 -8.53 20.75 -9.63
N LEU A 706 -8.80 19.69 -8.86
CA LEU A 706 -9.56 18.57 -9.39
C LEU A 706 -11.02 18.94 -9.61
N LYS A 707 -11.55 19.86 -8.82
CA LYS A 707 -12.91 20.33 -9.05
C LYS A 707 -13.04 21.06 -10.38
N TYR A 708 -12.07 21.93 -10.68
CA TYR A 708 -12.22 22.79 -11.85
C TYR A 708 -11.38 22.39 -13.05
N TYR A 709 -10.18 21.83 -12.85
CA TYR A 709 -9.26 21.57 -13.95
C TYR A 709 -8.68 20.17 -13.85
N GLU A 710 -9.56 19.18 -13.68
CA GLU A 710 -9.10 17.81 -13.44
C GLU A 710 -8.25 17.29 -14.60
N TYR A 711 -8.67 17.53 -15.84
CA TYR A 711 -7.91 17.04 -16.99
C TYR A 711 -6.56 17.74 -17.10
N GLU A 712 -6.56 19.07 -17.00
CA GLU A 712 -5.32 19.82 -17.11
C GLU A 712 -4.36 19.46 -15.99
N PHE A 713 -4.86 19.37 -14.76
CA PHE A 713 -4.00 18.98 -13.64
C PHE A 713 -3.46 17.58 -13.84
N MET A 714 -4.30 16.65 -14.30
CA MET A 714 -3.85 15.27 -14.46
C MET A 714 -2.75 15.17 -15.52
N GLU A 715 -2.91 15.87 -16.64
CA GLU A 715 -1.87 15.80 -17.67
C GLU A 715 -0.58 16.47 -17.19
N LEU A 716 -0.68 17.62 -16.51
CA LEU A 716 0.52 18.26 -15.99
C LEU A 716 1.23 17.37 -14.97
N ALA A 717 0.46 16.74 -14.07
CA ALA A 717 1.06 15.92 -13.03
C ALA A 717 1.65 14.62 -13.60
N CYS A 718 1.02 14.06 -14.64
CA CYS A 718 1.58 12.89 -15.29
C CYS A 718 2.81 13.23 -16.13
N GLN A 719 2.97 14.49 -16.51
CA GLN A 719 4.20 14.92 -17.16
C GLN A 719 5.32 15.26 -16.18
N CYS A 720 5.05 15.21 -14.87
CA CYS A 720 6.05 15.51 -13.85
C CYS A 720 6.99 14.32 -13.63
N PRO A 721 8.25 14.59 -13.29
CA PRO A 721 9.12 13.50 -12.79
C PRO A 721 8.63 12.88 -11.51
N ALA A 722 8.01 13.66 -10.61
CA ALA A 722 7.54 13.16 -9.33
C ALA A 722 6.50 14.11 -8.77
N VAL A 723 5.50 13.56 -8.10
CA VAL A 723 4.42 14.33 -7.50
C VAL A 723 4.36 14.02 -6.01
N VAL A 724 4.25 15.08 -5.20
CA VAL A 724 4.07 14.94 -3.76
C VAL A 724 2.76 15.62 -3.40
N CYS A 725 1.83 14.86 -2.82
CA CYS A 725 0.56 15.39 -2.34
C CYS A 725 0.55 15.27 -0.82
N CYS A 726 0.69 16.41 -0.15
CA CYS A 726 0.70 16.47 1.31
C CYS A 726 -0.68 16.86 1.82
N ARG A 727 -0.92 16.52 3.09
CA ARG A 727 -2.22 16.73 3.74
C ARG A 727 -3.35 16.09 2.91
N CYS A 728 -3.08 14.90 2.40
CA CYS A 728 -4.01 14.20 1.53
C CYS A 728 -4.96 13.36 2.38
N ALA A 729 -6.26 13.66 2.28
CA ALA A 729 -7.26 12.86 2.95
C ALA A 729 -7.39 11.50 2.27
N PRO A 730 -7.86 10.48 2.98
CA PRO A 730 -7.98 9.14 2.35
C PRO A 730 -8.84 9.14 1.11
N THR A 731 -9.94 9.92 1.10
CA THR A 731 -10.74 10.04 -0.11
C THR A 731 -9.94 10.68 -1.24
N GLN A 732 -9.10 11.66 -0.91
CA GLN A 732 -8.28 12.29 -1.93
C GLN A 732 -7.26 11.31 -2.51
N LYS A 733 -6.67 10.46 -1.66
CA LYS A 733 -5.75 9.44 -2.16
C LYS A 733 -6.46 8.49 -3.11
N ALA A 734 -7.63 7.99 -2.71
CA ALA A 734 -8.39 7.09 -3.57
C ALA A 734 -8.79 7.79 -4.87
N GLN A 735 -9.15 9.06 -4.79
CA GLN A 735 -9.52 9.82 -5.98
C GLN A 735 -8.32 9.99 -6.92
N ILE A 736 -7.13 10.21 -6.37
CA ILE A 736 -5.93 10.30 -7.20
C ILE A 736 -5.69 8.97 -7.91
N VAL A 737 -5.83 7.86 -7.18
CA VAL A 737 -5.65 6.55 -7.80
C VAL A 737 -6.65 6.35 -8.94
N ARG A 738 -7.92 6.67 -8.67
CA ARG A 738 -8.96 6.50 -9.68
C ARG A 738 -8.71 7.39 -10.89
N LEU A 739 -8.27 8.63 -10.67
CA LEU A 739 -8.02 9.55 -11.77
C LEU A 739 -6.84 9.07 -12.61
N LEU A 740 -5.79 8.55 -11.97
CA LEU A 740 -4.68 7.98 -12.73
C LEU A 740 -5.16 6.82 -13.59
N GLN A 741 -5.99 5.93 -13.01
CA GLN A 741 -6.50 4.81 -13.78
C GLN A 741 -7.37 5.28 -14.94
N GLU A 742 -8.19 6.30 -14.72
CA GLU A 742 -9.12 6.75 -15.76
C GLU A 742 -8.40 7.50 -16.88
N ARG A 743 -7.38 8.29 -16.54
CA ARG A 743 -6.69 9.09 -17.54
C ARG A 743 -5.63 8.29 -18.27
N THR A 744 -4.69 7.68 -17.54
CA THR A 744 -3.59 7.01 -18.21
C THR A 744 -4.01 5.70 -18.84
N GLY A 745 -5.02 5.04 -18.29
CA GLY A 745 -5.39 3.72 -18.76
C GLY A 745 -4.44 2.62 -18.35
N LYS A 746 -3.51 2.91 -17.44
CA LYS A 746 -2.49 1.96 -17.02
C LYS A 746 -2.74 1.54 -15.58
N LEU A 747 -2.00 0.53 -15.14
CA LEU A 747 -2.18 -0.04 -13.81
C LEU A 747 -1.49 0.81 -12.75
N THR A 748 -2.14 0.93 -11.60
CA THR A 748 -1.59 1.65 -10.46
C THR A 748 -1.44 0.69 -9.28
N CYS A 749 -0.39 0.90 -8.50
CA CYS A 749 -0.16 0.17 -7.26
C CYS A 749 -0.05 1.17 -6.12
N ALA A 750 -0.86 0.96 -5.09
CA ALA A 750 -0.86 1.82 -3.91
C ALA A 750 -0.20 1.08 -2.75
N VAL A 751 0.73 1.76 -2.08
CA VAL A 751 1.49 1.18 -0.98
C VAL A 751 1.30 2.07 0.24
N GLY A 752 0.83 1.48 1.34
CA GLY A 752 0.63 2.22 2.56
C GLY A 752 0.68 1.32 3.77
N ASP A 753 0.65 1.94 4.94
CA ASP A 753 0.74 1.21 6.20
C ASP A 753 -0.37 1.53 7.19
N GLY A 754 -1.10 2.63 7.02
CA GLY A 754 -2.09 3.07 7.98
C GLY A 754 -3.51 2.89 7.48
N GLY A 755 -4.45 3.22 8.37
CA GLY A 755 -5.85 3.14 8.02
C GLY A 755 -6.26 4.16 6.98
N ASN A 756 -5.54 5.27 6.88
CA ASN A 756 -5.81 6.27 5.86
C ASN A 756 -5.35 5.86 4.47
N ASP A 757 -4.64 4.73 4.35
CA ASP A 757 -4.23 4.20 3.07
C ASP A 757 -5.15 3.09 2.56
N VAL A 758 -6.14 2.68 3.35
CA VAL A 758 -6.98 1.54 2.99
C VAL A 758 -7.79 1.86 1.74
N SER A 759 -8.36 3.06 1.67
CA SER A 759 -9.21 3.43 0.54
C SER A 759 -8.43 3.39 -0.77
N MET A 760 -7.24 3.97 -0.79
CA MET A 760 -6.45 4.00 -2.02
C MET A 760 -5.87 2.63 -2.35
N ILE A 761 -5.60 1.81 -1.33
CA ILE A 761 -5.16 0.43 -1.57
C ILE A 761 -6.27 -0.37 -2.25
N GLN A 762 -7.50 -0.23 -1.75
CA GLN A 762 -8.63 -0.93 -2.33
C GLN A 762 -8.96 -0.41 -3.72
N GLU A 763 -8.78 0.90 -3.95
CA GLU A 763 -9.08 1.48 -5.25
C GLU A 763 -8.07 1.06 -6.31
N SER A 764 -6.83 0.81 -5.91
CA SER A 764 -5.77 0.57 -6.88
C SER A 764 -5.92 -0.81 -7.53
N ASP A 765 -5.24 -0.96 -8.68
CA ASP A 765 -5.25 -2.24 -9.38
C ASP A 765 -4.48 -3.31 -8.62
N CYS A 766 -3.53 -2.90 -7.79
CA CYS A 766 -2.72 -3.84 -7.01
C CYS A 766 -2.36 -3.14 -5.70
N GLY A 767 -3.08 -3.47 -4.63
CA GLY A 767 -2.85 -2.84 -3.35
C GLY A 767 -1.85 -3.61 -2.53
N VAL A 768 -0.81 -2.91 -2.08
CA VAL A 768 0.23 -3.49 -1.23
C VAL A 768 0.16 -2.79 0.12
N GLY A 769 0.00 -3.58 1.18
CA GLY A 769 -0.09 -3.05 2.53
C GLY A 769 1.17 -3.40 3.31
N VAL A 770 1.78 -2.38 3.90
CA VAL A 770 2.94 -2.56 4.76
C VAL A 770 2.45 -2.71 6.18
N GLU A 771 2.94 -3.75 6.86
CA GLU A 771 2.55 -3.99 8.24
C GLU A 771 2.99 -2.84 9.13
N GLY A 772 2.03 -2.08 9.65
CA GLY A 772 2.33 -0.94 10.48
C GLY A 772 2.78 -1.34 11.87
N LYS A 773 3.51 -0.42 12.50
CA LYS A 773 4.00 -0.66 13.86
C LYS A 773 2.85 -0.72 14.86
N GLU A 774 1.85 0.15 14.70
CA GLU A 774 0.76 0.25 15.66
C GLU A 774 -0.61 0.00 15.02
N GLY A 775 -0.65 -0.51 13.80
CA GLY A 775 -1.91 -0.80 13.14
C GLY A 775 -1.70 -1.77 11.99
N LYS A 776 -2.74 -2.54 11.70
CA LYS A 776 -2.65 -3.59 10.69
C LYS A 776 -3.70 -3.48 9.59
N GLN A 777 -4.51 -2.40 9.59
CA GLN A 777 -5.65 -2.35 8.68
C GLN A 777 -5.22 -2.33 7.21
N ALA A 778 -4.15 -1.58 6.90
CA ALA A 778 -3.65 -1.57 5.53
C ALA A 778 -3.17 -2.96 5.10
N SER A 779 -2.47 -3.65 5.98
CA SER A 779 -2.02 -5.01 5.67
C SER A 779 -3.21 -5.96 5.50
N LEU A 780 -4.23 -5.82 6.34
CA LEU A 780 -5.38 -6.72 6.27
C LEU A 780 -6.27 -6.44 5.07
N ALA A 781 -6.27 -5.21 4.55
CA ALA A 781 -7.14 -4.85 3.44
C ALA A 781 -6.46 -4.98 2.08
N ALA A 782 -5.17 -5.29 2.02
CA ALA A 782 -4.43 -5.22 0.78
C ALA A 782 -4.44 -6.55 0.03
N ASP A 783 -4.10 -6.48 -1.25
CA ASP A 783 -3.92 -7.68 -2.06
C ASP A 783 -2.64 -8.41 -1.67
N PHE A 784 -1.58 -7.68 -1.39
CA PHE A 784 -0.31 -8.24 -0.94
C PHE A 784 0.17 -7.49 0.30
N SER A 785 0.63 -8.24 1.28
CA SER A 785 1.13 -7.67 2.52
C SER A 785 2.63 -7.92 2.62
N ILE A 786 3.39 -6.86 2.86
CA ILE A 786 4.83 -6.96 3.06
C ILE A 786 5.17 -6.36 4.41
N THR A 787 6.34 -6.75 4.93
CA THR A 787 6.80 -6.23 6.22
C THR A 787 7.72 -5.03 6.08
N GLN A 788 8.38 -4.86 4.94
CA GLN A 788 9.29 -3.75 4.72
C GLN A 788 9.08 -3.20 3.32
N PHE A 789 9.34 -1.90 3.16
CA PHE A 789 9.14 -1.26 1.86
C PHE A 789 10.09 -1.82 0.81
N LYS A 790 11.32 -2.18 1.19
CA LYS A 790 12.30 -2.66 0.24
C LYS A 790 11.90 -3.97 -0.42
N HIS A 791 11.00 -4.73 0.20
CA HIS A 791 10.52 -5.97 -0.40
C HIS A 791 9.74 -5.72 -1.70
N LEU A 792 9.30 -4.47 -1.91
CA LEU A 792 8.55 -4.11 -3.11
C LEU A 792 9.39 -4.36 -4.37
N GLY A 793 10.70 -4.08 -4.29
CA GLY A 793 11.53 -4.25 -5.46
C GLY A 793 11.56 -5.67 -5.96
N ARG A 794 11.79 -6.63 -5.06
CA ARG A 794 11.75 -8.03 -5.46
C ARG A 794 10.33 -8.44 -5.85
N LEU A 795 9.34 -8.07 -5.04
CA LEU A 795 7.96 -8.46 -5.31
C LEU A 795 7.53 -8.07 -6.71
N LEU A 796 7.98 -6.91 -7.19
CA LEU A 796 7.66 -6.55 -8.58
C LEU A 796 8.62 -7.26 -9.54
N MET A 797 9.90 -6.91 -9.49
CA MET A 797 10.81 -7.22 -10.58
C MET A 797 11.01 -8.71 -10.77
N VAL A 798 10.93 -9.51 -9.70
CA VAL A 798 11.10 -10.94 -9.86
C VAL A 798 9.73 -11.58 -9.97
N HIS A 799 8.93 -11.45 -8.92
CA HIS A 799 7.71 -12.26 -8.82
C HIS A 799 6.64 -11.81 -9.82
N GLY A 800 6.39 -10.50 -9.93
CA GLY A 800 5.36 -10.06 -10.86
C GLY A 800 5.76 -10.32 -12.29
N ARG A 801 7.02 -10.05 -12.63
CA ARG A 801 7.52 -10.33 -13.97
C ARG A 801 7.39 -11.80 -14.31
N ASN A 802 7.84 -12.68 -13.41
CA ASN A 802 7.78 -14.11 -13.69
C ASN A 802 6.35 -14.60 -13.79
N SER A 803 5.47 -14.13 -12.91
CA SER A 803 4.07 -14.54 -12.95
C SER A 803 3.43 -14.12 -14.28
N TYR A 804 3.66 -12.87 -14.69
CA TYR A 804 3.08 -12.37 -15.93
C TYR A 804 3.61 -13.15 -17.14
N LYS A 805 4.92 -13.34 -17.22
CA LYS A 805 5.50 -14.05 -18.36
C LYS A 805 5.05 -15.50 -18.40
N ARG A 806 5.03 -16.17 -17.25
CA ARG A 806 4.61 -17.56 -17.20
C ARG A 806 3.13 -17.71 -17.58
N SER A 807 2.27 -16.82 -17.07
CA SER A 807 0.86 -16.90 -17.43
C SER A 807 0.67 -16.68 -18.93
N ALA A 808 1.36 -15.69 -19.50
CA ALA A 808 1.25 -15.43 -20.93
C ALA A 808 1.69 -16.64 -21.74
N ALA A 809 2.86 -17.21 -21.40
CA ALA A 809 3.37 -18.36 -22.15
C ALA A 809 2.44 -19.56 -22.02
N LEU A 810 1.97 -19.85 -20.80
CA LEU A 810 1.13 -21.02 -20.58
C LEU A 810 -0.21 -20.88 -21.30
N SER A 811 -0.86 -19.72 -21.18
CA SER A 811 -2.14 -19.52 -21.85
C SER A 811 -1.99 -19.60 -23.35
N GLN A 812 -0.96 -18.96 -23.90
CA GLN A 812 -0.78 -18.98 -25.35
C GLN A 812 -0.47 -20.38 -25.84
N PHE A 813 0.30 -21.17 -25.08
CA PHE A 813 0.58 -22.53 -25.51
C PHE A 813 -0.66 -23.41 -25.45
N VAL A 814 -1.48 -23.26 -24.41
CA VAL A 814 -2.70 -24.05 -24.32
C VAL A 814 -3.64 -23.71 -25.48
N ILE A 815 -3.78 -22.42 -25.79
CA ILE A 815 -4.62 -22.02 -26.91
C ILE A 815 -4.06 -22.55 -28.22
N HIS A 816 -2.73 -22.51 -28.38
CA HIS A 816 -2.11 -23.04 -29.59
C HIS A 816 -2.36 -24.53 -29.75
N ARG A 817 -2.24 -25.28 -28.65
CA ARG A 817 -2.48 -26.72 -28.70
C ARG A 817 -3.94 -27.01 -29.08
N SER A 818 -4.88 -26.29 -28.48
CA SER A 818 -6.28 -26.50 -28.82
C SER A 818 -6.57 -26.15 -30.27
N LEU A 819 -5.94 -25.08 -30.77
CA LEU A 819 -6.15 -24.68 -32.16
C LEU A 819 -5.57 -25.71 -33.12
N CYS A 820 -4.38 -26.24 -32.80
CA CYS A 820 -3.79 -27.29 -33.63
C CYS A 820 -4.70 -28.52 -33.67
N ILE A 821 -5.25 -28.90 -32.51
CA ILE A 821 -6.17 -30.03 -32.49
C ILE A 821 -7.41 -29.74 -33.32
N SER A 822 -7.95 -28.53 -33.21
CA SER A 822 -9.14 -28.17 -33.98
C SER A 822 -8.87 -28.22 -35.48
N THR A 823 -7.73 -27.69 -35.91
CA THR A 823 -7.36 -27.77 -37.33
C THR A 823 -7.21 -29.22 -37.77
N MET A 824 -6.57 -30.05 -36.93
CA MET A 824 -6.39 -31.46 -37.24
C MET A 824 -7.72 -32.15 -37.44
N GLN A 825 -8.66 -31.94 -36.53
CA GLN A 825 -9.94 -32.64 -36.64
C GLN A 825 -10.82 -32.06 -37.73
N ALA A 826 -10.67 -30.77 -38.06
CA ALA A 826 -11.37 -30.21 -39.20
C ALA A 826 -10.90 -30.84 -40.51
N VAL A 827 -9.58 -30.95 -40.68
CA VAL A 827 -9.05 -31.60 -41.88
C VAL A 827 -9.44 -33.08 -41.90
N PHE A 828 -9.41 -33.72 -40.74
CA PHE A 828 -9.76 -35.14 -40.65
C PHE A 828 -11.22 -35.37 -41.03
N SER A 829 -12.10 -34.46 -40.64
CA SER A 829 -13.51 -34.57 -40.99
C SER A 829 -13.79 -34.20 -42.45
N SER A 830 -13.02 -33.26 -43.02
CA SER A 830 -13.30 -32.80 -44.37
C SER A 830 -12.67 -33.66 -45.45
N VAL A 831 -11.58 -34.37 -45.15
CA VAL A 831 -10.80 -35.05 -46.17
C VAL A 831 -10.89 -36.56 -46.09
N PHE A 832 -11.43 -37.12 -45.01
CA PHE A 832 -11.42 -38.57 -44.84
C PHE A 832 -12.78 -39.22 -45.11
N TYR A 833 -13.84 -38.80 -44.41
CA TYR A 833 -15.13 -39.47 -44.60
C TYR A 833 -16.32 -38.53 -44.52
N PHE A 834 -16.12 -37.22 -44.50
CA PHE A 834 -17.20 -36.24 -44.53
C PHE A 834 -18.11 -36.36 -43.32
N ALA A 835 -18.80 -37.49 -43.17
CA ALA A 835 -19.74 -37.67 -42.06
C ALA A 835 -19.93 -39.15 -41.79
N SER A 836 -19.55 -39.59 -40.59
CA SER A 836 -19.75 -40.97 -40.16
C SER A 836 -19.50 -41.06 -38.66
N VAL A 837 -19.99 -42.15 -38.06
CA VAL A 837 -19.74 -42.39 -36.63
C VAL A 837 -18.26 -42.61 -36.35
N PRO A 838 -17.53 -43.46 -37.10
CA PRO A 838 -16.08 -43.56 -36.85
C PRO A 838 -15.35 -42.25 -37.07
N LEU A 839 -15.92 -41.33 -37.85
CA LEU A 839 -15.34 -40.00 -37.97
C LEU A 839 -15.38 -39.27 -36.63
N TYR A 840 -16.51 -39.36 -35.92
CA TYR A 840 -16.60 -38.76 -34.58
C TYR A 840 -15.75 -39.51 -33.56
N GLN A 841 -15.61 -40.83 -33.72
CA GLN A 841 -14.70 -41.57 -32.84
C GLN A 841 -13.28 -41.03 -32.96
N GLY A 842 -12.80 -40.85 -34.20
CA GLY A 842 -11.51 -40.24 -34.42
C GLY A 842 -11.43 -38.79 -33.97
N PHE A 843 -12.53 -38.05 -34.10
CA PHE A 843 -12.61 -36.70 -33.54
C PHE A 843 -12.26 -36.71 -32.05
N LEU A 844 -12.93 -37.58 -31.30
CA LEU A 844 -12.68 -37.66 -29.86
C LEU A 844 -11.28 -38.18 -29.55
N ILE A 845 -10.79 -39.14 -30.34
CA ILE A 845 -9.44 -39.64 -30.11
C ILE A 845 -8.40 -38.54 -30.30
N ILE A 846 -8.55 -37.75 -31.37
CA ILE A 846 -7.65 -36.62 -31.60
C ILE A 846 -7.73 -35.64 -30.45
N GLY A 847 -8.95 -35.37 -29.96
CA GLY A 847 -9.10 -34.49 -28.83
C GLY A 847 -8.39 -34.97 -27.58
N TYR A 848 -8.36 -36.30 -27.38
CA TYR A 848 -7.75 -36.88 -26.18
C TYR A 848 -6.22 -36.75 -26.15
N SER A 849 -5.60 -36.11 -27.14
CA SER A 849 -4.14 -36.06 -27.17
C SER A 849 -3.54 -35.13 -26.13
N THR A 850 -4.34 -34.24 -25.54
CA THR A 850 -3.83 -33.30 -24.55
C THR A 850 -3.38 -33.98 -23.26
N ILE A 851 -3.80 -35.22 -23.03
CA ILE A 851 -3.44 -35.92 -21.80
C ILE A 851 -1.93 -36.15 -21.74
N TYR A 852 -1.32 -36.46 -22.89
CA TYR A 852 0.10 -36.78 -22.95
C TYR A 852 0.99 -35.55 -22.98
N THR A 853 0.42 -34.35 -23.02
CA THR A 853 1.20 -33.12 -23.00
C THR A 853 0.85 -32.23 -21.81
N MET A 854 0.02 -32.73 -20.89
CA MET A 854 -0.46 -31.91 -19.77
C MET A 854 0.69 -31.49 -18.86
N PHE A 855 1.49 -32.45 -18.40
CA PHE A 855 2.59 -32.16 -17.50
C PHE A 855 3.70 -31.34 -18.15
N PRO A 856 4.15 -31.66 -19.37
CA PRO A 856 5.13 -30.76 -20.02
C PRO A 856 4.61 -29.34 -20.20
N VAL A 857 3.33 -29.18 -20.52
CA VAL A 857 2.77 -27.85 -20.70
C VAL A 857 2.73 -27.10 -19.37
N PHE A 858 2.28 -27.77 -18.30
CA PHE A 858 2.21 -27.10 -17.02
C PHE A 858 3.59 -26.87 -16.41
N SER A 859 4.62 -27.57 -16.89
CA SER A 859 5.97 -27.32 -16.41
C SER A 859 6.48 -25.95 -16.81
N LEU A 860 5.78 -25.25 -17.71
CA LEU A 860 6.15 -23.90 -18.08
C LEU A 860 6.07 -22.91 -16.91
N VAL A 861 5.34 -23.25 -15.85
CA VAL A 861 5.29 -22.39 -14.68
C VAL A 861 6.61 -22.33 -13.94
N LEU A 862 7.57 -23.16 -14.31
CA LEU A 862 8.92 -23.12 -13.74
C LEU A 862 9.89 -22.32 -14.59
N ASP A 863 9.45 -21.79 -15.73
CA ASP A 863 10.35 -21.17 -16.68
C ASP A 863 10.74 -19.76 -16.26
N LYS A 864 11.99 -19.40 -16.55
CA LYS A 864 12.51 -18.07 -16.34
C LYS A 864 13.29 -17.63 -17.57
N ASP A 865 13.34 -16.32 -17.79
CA ASP A 865 14.23 -15.80 -18.82
C ASP A 865 15.58 -15.37 -18.24
N VAL A 866 15.58 -14.80 -17.03
CA VAL A 866 16.80 -14.43 -16.34
C VAL A 866 16.70 -14.88 -14.89
N LYS A 867 17.85 -14.93 -14.24
CA LYS A 867 17.88 -15.20 -12.81
C LYS A 867 17.34 -14.01 -12.03
N SER A 868 16.99 -14.27 -10.76
CA SER A 868 16.42 -13.21 -9.93
C SER A 868 17.41 -12.07 -9.74
N GLU A 869 18.70 -12.39 -9.61
CA GLU A 869 19.71 -11.34 -9.45
C GLU A 869 19.80 -10.48 -10.70
N VAL A 870 19.69 -11.08 -11.88
CA VAL A 870 19.75 -10.31 -13.12
C VAL A 870 18.56 -9.37 -13.22
N ALA A 871 17.36 -9.85 -12.88
CA ALA A 871 16.18 -8.99 -12.90
C ALA A 871 16.29 -7.86 -11.90
N MET A 872 16.86 -8.15 -10.72
CA MET A 872 17.03 -7.10 -9.72
C MET A 872 18.05 -6.06 -10.17
N LEU A 873 19.15 -6.50 -10.78
CA LEU A 873 20.22 -5.58 -11.17
C LEU A 873 19.95 -4.85 -12.46
N TYR A 874 18.97 -5.28 -13.25
CA TYR A 874 18.67 -4.68 -14.55
C TYR A 874 17.18 -4.38 -14.61
N PRO A 875 16.73 -3.31 -13.96
CA PRO A 875 15.29 -3.00 -13.93
C PRO A 875 14.70 -2.63 -15.28
N GLU A 876 15.52 -2.32 -16.27
CA GLU A 876 15.00 -1.95 -17.58
C GLU A 876 14.30 -3.10 -18.29
N LEU A 877 14.49 -4.34 -17.84
CA LEU A 877 13.71 -5.46 -18.35
C LEU A 877 12.22 -5.31 -18.04
N TYR A 878 11.88 -4.54 -17.00
CA TYR A 878 10.49 -4.34 -16.63
C TYR A 878 9.73 -3.48 -17.64
N LYS A 879 10.45 -2.61 -18.35
CA LYS A 879 9.78 -1.73 -19.31
C LYS A 879 9.22 -2.52 -20.49
N ASP A 880 9.85 -3.64 -20.86
CA ASP A 880 9.27 -4.50 -21.89
C ASP A 880 7.93 -5.07 -21.44
N LEU A 881 7.83 -5.45 -20.16
CA LEU A 881 6.54 -5.86 -19.61
C LEU A 881 5.54 -4.71 -19.65
N LEU A 882 6.01 -3.49 -19.34
CA LEU A 882 5.12 -2.34 -19.37
C LEU A 882 4.56 -2.07 -20.75
N LYS A 883 5.18 -2.61 -21.81
CA LYS A 883 4.68 -2.47 -23.17
C LYS A 883 3.75 -3.58 -23.58
N GLY A 884 3.43 -4.52 -22.69
CA GLY A 884 2.55 -5.62 -23.03
C GLY A 884 3.17 -6.67 -23.93
N ARG A 885 4.50 -6.77 -23.94
CA ARG A 885 5.17 -7.70 -24.84
C ARG A 885 4.80 -9.17 -24.63
N PRO A 886 4.72 -9.72 -23.41
CA PRO A 886 4.49 -11.16 -23.29
C PRO A 886 3.20 -11.64 -23.94
N LEU A 887 2.13 -10.85 -23.89
CA LEU A 887 0.85 -11.23 -24.47
C LEU A 887 0.29 -10.02 -25.22
N SER A 888 0.18 -10.15 -26.54
CA SER A 888 -0.37 -9.10 -27.38
C SER A 888 -1.03 -9.76 -28.58
N TYR A 889 -1.56 -8.93 -29.48
CA TYR A 889 -2.15 -9.45 -30.71
C TYR A 889 -1.09 -10.07 -31.61
N LYS A 890 0.13 -9.55 -31.58
CA LYS A 890 1.19 -10.07 -32.45
C LYS A 890 1.55 -11.51 -32.06
N THR A 891 1.83 -11.75 -30.79
CA THR A 891 2.21 -13.09 -30.35
C THR A 891 1.06 -14.07 -30.53
N PHE A 892 -0.16 -13.63 -30.22
CA PHE A 892 -1.32 -14.49 -30.41
C PHE A 892 -1.53 -14.86 -31.87
N LEU A 893 -1.37 -13.88 -32.77
CA LEU A 893 -1.51 -14.16 -34.20
C LEU A 893 -0.42 -15.11 -34.70
N ILE A 894 0.81 -14.92 -34.22
CA ILE A 894 1.88 -15.83 -34.60
C ILE A 894 1.58 -17.24 -34.13
N TRP A 895 1.08 -17.38 -32.90
CA TRP A 895 0.71 -18.69 -32.38
C TRP A 895 -0.42 -19.31 -33.19
N VAL A 896 -1.39 -18.50 -33.61
CA VAL A 896 -2.50 -19.00 -34.42
C VAL A 896 -2.00 -19.53 -35.75
N LEU A 897 -1.12 -18.77 -36.40
CA LEU A 897 -0.56 -19.21 -37.67
C LEU A 897 0.24 -20.48 -37.51
N ILE A 898 1.05 -20.57 -36.45
CA ILE A 898 1.82 -21.78 -36.19
C ILE A 898 0.91 -22.97 -35.98
N SER A 899 -0.15 -22.79 -35.19
CA SER A 899 -1.05 -23.89 -34.88
C SER A 899 -1.76 -24.38 -36.13
N ILE A 900 -2.23 -23.46 -36.97
CA ILE A 900 -2.88 -23.87 -38.22
C ILE A 900 -1.90 -24.62 -39.11
N TYR A 901 -0.67 -24.10 -39.23
CA TYR A 901 0.32 -24.75 -40.07
C TYR A 901 0.63 -26.16 -39.57
N GLN A 902 0.82 -26.31 -38.26
CA GLN A 902 1.20 -27.61 -37.71
C GLN A 902 0.06 -28.62 -37.81
N GLY A 903 -1.17 -28.19 -37.50
CA GLY A 903 -2.30 -29.10 -37.63
C GLY A 903 -2.51 -29.55 -39.05
N SER A 904 -2.47 -28.59 -39.99
CA SER A 904 -2.62 -28.94 -41.40
C SER A 904 -1.52 -29.87 -41.86
N THR A 905 -0.28 -29.59 -41.47
CA THR A 905 0.85 -30.41 -41.89
C THR A 905 0.71 -31.84 -41.38
N ILE A 906 0.37 -31.98 -40.09
CA ILE A 906 0.25 -33.31 -39.51
C ILE A 906 -0.87 -34.10 -40.19
N MET A 907 -2.05 -33.49 -40.31
CA MET A 907 -3.18 -34.20 -40.91
C MET A 907 -2.93 -34.54 -42.37
N TYR A 908 -2.40 -33.59 -43.15
CA TYR A 908 -2.22 -33.83 -44.57
C TYR A 908 -1.08 -34.80 -44.82
N GLY A 909 -0.03 -34.78 -44.01
CA GLY A 909 1.00 -35.80 -44.12
C GLY A 909 0.48 -37.18 -43.78
N ALA A 910 -0.37 -37.27 -42.76
CA ALA A 910 -0.97 -38.57 -42.44
C ALA A 910 -1.84 -39.07 -43.58
N LEU A 911 -2.62 -38.18 -44.19
CA LEU A 911 -3.50 -38.57 -45.29
C LEU A 911 -2.77 -38.75 -46.61
N LEU A 912 -1.54 -38.25 -46.74
CA LEU A 912 -0.77 -38.33 -47.98
C LEU A 912 0.20 -39.50 -47.99
N LEU A 913 1.02 -39.64 -46.94
CA LEU A 913 2.03 -40.68 -46.92
C LEU A 913 1.41 -42.07 -46.86
N PHE A 914 0.45 -42.27 -45.96
CA PHE A 914 -0.18 -43.58 -45.76
C PHE A 914 -1.68 -43.38 -45.61
N GLU A 915 -2.41 -43.61 -46.70
CA GLU A 915 -3.86 -43.50 -46.75
C GLU A 915 -4.58 -44.82 -46.47
N SER A 916 -3.90 -45.76 -45.78
CA SER A 916 -4.35 -47.14 -45.71
C SER A 916 -5.73 -47.26 -45.08
N GLU A 917 -5.92 -46.70 -43.89
CA GLU A 917 -7.14 -46.95 -43.14
C GLU A 917 -7.31 -45.87 -42.09
N PHE A 918 -8.47 -45.90 -41.41
CA PHE A 918 -8.71 -45.01 -40.29
C PHE A 918 -7.71 -45.25 -39.17
N VAL A 919 -7.42 -46.53 -38.88
CA VAL A 919 -6.53 -46.86 -37.77
C VAL A 919 -5.13 -46.33 -38.02
N HIS A 920 -4.60 -46.56 -39.22
CA HIS A 920 -3.23 -46.15 -39.53
C HIS A 920 -3.09 -44.63 -39.53
N ILE A 921 -4.03 -43.94 -40.17
CA ILE A 921 -3.99 -42.48 -40.23
C ILE A 921 -4.13 -41.89 -38.84
N VAL A 922 -5.05 -42.43 -38.04
CA VAL A 922 -5.24 -41.95 -36.67
C VAL A 922 -3.96 -42.16 -35.85
N ALA A 923 -3.34 -43.33 -35.97
CA ALA A 923 -2.13 -43.61 -35.20
C ALA A 923 -1.01 -42.67 -35.60
N ILE A 924 -0.80 -42.49 -36.91
CA ILE A 924 0.28 -41.62 -37.38
C ILE A 924 0.06 -40.19 -36.91
N SER A 925 -1.17 -39.68 -37.09
CA SER A 925 -1.45 -38.31 -36.70
C SER A 925 -1.32 -38.12 -35.19
N PHE A 926 -1.80 -39.09 -34.40
CA PHE A 926 -1.70 -38.99 -32.95
C PHE A 926 -0.25 -38.96 -32.50
N THR A 927 0.57 -39.87 -33.02
CA THR A 927 1.98 -39.92 -32.65
C THR A 927 2.69 -38.63 -33.06
N SER A 928 2.44 -38.17 -34.30
CA SER A 928 3.09 -36.96 -34.78
C SER A 928 2.67 -35.76 -33.95
N LEU A 929 1.40 -35.67 -33.59
CA LEU A 929 0.92 -34.55 -32.80
C LEU A 929 1.56 -34.54 -31.42
N ILE A 930 1.63 -35.71 -30.78
CA ILE A 930 2.24 -35.77 -29.44
C ILE A 930 3.71 -35.38 -29.50
N LEU A 931 4.44 -35.93 -30.48
CA LEU A 931 5.85 -35.57 -30.61
C LEU A 931 6.04 -34.10 -30.92
N THR A 932 5.18 -33.56 -31.79
CA THR A 932 5.28 -32.15 -32.15
C THR A 932 5.03 -31.25 -30.95
N GLU A 933 4.02 -31.58 -30.13
CA GLU A 933 3.76 -30.74 -28.96
C GLU A 933 4.85 -30.88 -27.91
N LEU A 934 5.45 -32.06 -27.77
CA LEU A 934 6.60 -32.20 -26.88
C LEU A 934 7.77 -31.34 -27.35
N LEU A 935 8.06 -31.36 -28.65
CA LEU A 935 9.12 -30.52 -29.18
C LEU A 935 8.77 -29.04 -29.08
N MET A 936 7.48 -28.71 -29.18
CA MET A 936 7.03 -27.33 -29.04
C MET A 936 7.25 -26.83 -27.63
N VAL A 937 6.93 -27.65 -26.63
CA VAL A 937 7.25 -27.31 -25.25
C VAL A 937 8.75 -27.14 -25.08
N ALA A 938 9.54 -28.04 -25.67
CA ALA A 938 10.99 -27.94 -25.58
C ALA A 938 11.49 -26.66 -26.24
N LEU A 939 10.89 -26.29 -27.37
CA LEU A 939 11.31 -25.08 -28.08
C LEU A 939 10.96 -23.80 -27.31
N THR A 940 9.84 -23.81 -26.60
CA THR A 940 9.37 -22.61 -25.90
C THR A 940 10.20 -22.31 -24.66
N ILE A 941 10.76 -23.34 -24.01
CA ILE A 941 11.43 -23.16 -22.73
C ILE A 941 12.68 -22.29 -22.91
N GLN A 942 12.84 -21.31 -22.03
CA GLN A 942 14.01 -20.45 -22.01
C GLN A 942 15.10 -20.96 -21.07
N THR A 943 14.76 -21.20 -19.80
CA THR A 943 15.69 -21.78 -18.83
C THR A 943 15.17 -23.15 -18.45
N TRP A 944 15.99 -24.17 -18.64
CA TRP A 944 15.55 -25.54 -18.43
C TRP A 944 15.63 -25.91 -16.95
N HIS A 945 14.51 -26.38 -16.42
CA HIS A 945 14.41 -26.94 -15.09
C HIS A 945 14.38 -28.45 -15.19
N TRP A 946 14.98 -29.13 -14.21
CA TRP A 946 15.03 -30.59 -14.25
C TRP A 946 13.63 -31.20 -14.20
N LEU A 947 12.67 -30.50 -13.58
CA LEU A 947 11.30 -30.98 -13.57
C LEU A 947 10.68 -30.94 -14.97
N MET A 948 11.07 -29.98 -15.81
CA MET A 948 10.61 -29.99 -17.19
C MET A 948 11.11 -31.21 -17.94
N THR A 949 12.38 -31.56 -17.73
CA THR A 949 12.94 -32.77 -18.32
C THR A 949 12.18 -33.99 -17.83
N VAL A 950 11.87 -34.03 -16.54
CA VAL A 950 11.10 -35.15 -15.99
C VAL A 950 9.74 -35.23 -16.65
N ALA A 951 9.07 -34.09 -16.82
CA ALA A 951 7.74 -34.08 -17.43
C ALA A 951 7.80 -34.57 -18.87
N GLU A 952 8.77 -34.09 -19.64
CA GLU A 952 8.91 -34.50 -21.03
C GLU A 952 9.15 -36.01 -21.14
N LEU A 953 10.14 -36.51 -20.39
CA LEU A 953 10.47 -37.93 -20.47
C LEU A 953 9.34 -38.80 -19.97
N LEU A 954 8.68 -38.39 -18.89
CA LEU A 954 7.56 -39.16 -18.36
C LEU A 954 6.39 -39.21 -19.34
N SER A 955 6.10 -38.08 -20.00
CA SER A 955 5.03 -38.09 -20.99
C SER A 955 5.37 -38.97 -22.18
N LEU A 956 6.61 -38.90 -22.65
CA LEU A 956 7.03 -39.77 -23.75
C LEU A 956 6.93 -41.24 -23.37
N ALA A 957 7.38 -41.58 -22.15
CA ALA A 957 7.31 -42.96 -21.69
C ALA A 957 5.86 -43.42 -21.55
N CYS A 958 4.99 -42.54 -21.07
CA CYS A 958 3.57 -42.89 -20.96
C CYS A 958 2.95 -43.14 -22.32
N TYR A 959 3.30 -42.32 -23.32
CA TYR A 959 2.77 -42.55 -24.65
C TYR A 959 3.31 -43.85 -25.25
N ILE A 960 4.59 -44.15 -25.03
CA ILE A 960 5.14 -45.41 -25.52
C ILE A 960 4.46 -46.60 -24.85
N ALA A 961 4.21 -46.49 -23.54
CA ALA A 961 3.52 -47.56 -22.83
C ALA A 961 2.10 -47.73 -23.35
N SER A 962 1.42 -46.63 -23.67
CA SER A 962 0.10 -46.72 -24.28
C SER A 962 0.18 -47.41 -25.63
N LEU A 963 1.20 -47.10 -26.43
CA LEU A 963 1.39 -47.76 -27.72
C LEU A 963 1.77 -49.22 -27.58
N VAL A 964 2.29 -49.64 -26.42
CA VAL A 964 2.61 -51.04 -26.16
C VAL A 964 1.42 -51.78 -25.55
N PHE A 965 0.77 -51.17 -24.56
CA PHE A 965 -0.43 -51.79 -23.97
C PHE A 965 -1.55 -51.94 -24.97
N LEU A 966 -1.57 -51.11 -26.02
CA LEU A 966 -2.57 -51.21 -27.06
C LEU A 966 -2.14 -52.14 -28.20
N HIS A 967 -0.85 -52.18 -28.51
CA HIS A 967 -0.36 -53.02 -29.60
C HIS A 967 -0.67 -54.49 -29.33
N GLU A 968 -0.45 -54.95 -28.10
CA GLU A 968 -0.65 -56.37 -27.80
C GLU A 968 -2.12 -56.75 -27.79
N PHE A 969 -2.96 -55.91 -27.19
CA PHE A 969 -4.35 -56.30 -26.97
C PHE A 969 -5.20 -56.15 -28.23
N ILE A 970 -5.36 -54.93 -28.74
CA ILE A 970 -6.07 -54.75 -29.99
C ILE A 970 -5.14 -55.09 -31.14
N ASP A 971 -5.69 -55.68 -32.20
CA ASP A 971 -4.87 -56.24 -33.26
C ASP A 971 -4.27 -55.15 -34.14
N VAL A 972 -3.19 -54.52 -33.68
CA VAL A 972 -2.45 -53.55 -34.48
C VAL A 972 -0.97 -53.92 -34.42
N TYR A 973 -0.36 -54.11 -35.59
CA TYR A 973 1.08 -54.32 -35.71
C TYR A 973 1.75 -53.17 -36.45
N PHE A 974 1.00 -52.14 -36.80
CA PHE A 974 1.54 -51.08 -37.66
C PHE A 974 2.51 -50.18 -36.90
N ILE A 975 2.43 -50.15 -35.57
CA ILE A 975 3.37 -49.36 -34.79
C ILE A 975 4.78 -49.92 -34.93
N ALA A 976 4.92 -51.24 -34.82
CA ALA A 976 6.23 -51.90 -34.89
C ALA A 976 6.60 -52.12 -36.36
N THR A 977 6.90 -51.02 -37.03
CA THR A 977 7.23 -51.05 -38.45
C THR A 977 8.13 -49.86 -38.76
N LEU A 978 9.10 -50.08 -39.65
CA LEU A 978 9.94 -48.97 -40.11
C LEU A 978 9.13 -47.94 -40.87
N SER A 979 8.06 -48.37 -41.55
CA SER A 979 7.22 -47.44 -42.30
C SER A 979 6.62 -46.38 -41.36
N PHE A 980 6.01 -46.83 -40.27
CA PHE A 980 5.44 -45.91 -39.29
C PHE A 980 6.51 -44.99 -38.72
N LEU A 981 7.68 -45.56 -38.41
CA LEU A 981 8.75 -44.77 -37.81
C LEU A 981 9.19 -43.63 -38.73
N TRP A 982 9.50 -43.94 -39.99
CA TRP A 982 10.00 -42.91 -40.87
C TRP A 982 8.90 -41.92 -41.28
N LYS A 983 7.66 -42.38 -41.44
CA LYS A 983 6.59 -41.45 -41.77
C LYS A 983 6.34 -40.47 -40.63
N VAL A 984 6.29 -40.97 -39.39
CA VAL A 984 6.15 -40.08 -38.24
C VAL A 984 7.33 -39.13 -38.14
N SER A 985 8.53 -39.63 -38.44
CA SER A 985 9.72 -38.78 -38.38
C SER A 985 9.63 -37.62 -39.36
N VAL A 986 9.25 -37.92 -40.61
CA VAL A 986 9.14 -36.85 -41.61
C VAL A 986 8.04 -35.87 -41.25
N ILE A 987 6.89 -36.37 -40.78
CA ILE A 987 5.79 -35.45 -40.44
C ILE A 987 6.20 -34.54 -39.29
N THR A 988 6.81 -35.10 -38.25
CA THR A 988 7.25 -34.29 -37.13
C THR A 988 8.33 -33.30 -37.53
N LEU A 989 9.26 -33.71 -38.40
CA LEU A 989 10.29 -32.81 -38.87
C LEU A 989 9.68 -31.63 -39.62
N VAL A 990 8.74 -31.91 -40.53
CA VAL A 990 8.12 -30.83 -41.28
C VAL A 990 7.32 -29.92 -40.36
N SER A 991 6.72 -30.47 -39.31
CA SER A 991 5.95 -29.65 -38.39
C SER A 991 6.84 -28.76 -37.52
N CYS A 992 8.01 -29.26 -37.12
CA CYS A 992 8.80 -28.59 -36.09
C CYS A 992 10.02 -27.84 -36.63
N LEU A 993 10.80 -28.47 -37.50
CA LEU A 993 12.08 -27.90 -37.93
C LEU A 993 12.00 -26.46 -38.44
N PRO A 994 10.99 -26.05 -39.22
CA PRO A 994 10.89 -24.62 -39.54
C PRO A 994 10.83 -23.72 -38.31
N LEU A 995 10.14 -24.15 -37.26
CA LEU A 995 10.09 -23.35 -36.05
C LEU A 995 11.44 -23.31 -35.34
N TYR A 996 12.17 -24.42 -35.34
CA TYR A 996 13.49 -24.42 -34.74
C TYR A 996 14.43 -23.48 -35.50
N VAL A 997 14.36 -23.52 -36.83
CA VAL A 997 15.18 -22.61 -37.64
C VAL A 997 14.80 -21.16 -37.38
N LEU A 998 13.49 -20.88 -37.31
CA LEU A 998 13.04 -19.52 -37.04
C LEU A 998 13.50 -19.04 -35.67
N LYS A 999 13.42 -19.90 -34.65
CA LYS A 999 13.89 -19.52 -33.33
C LYS A 999 15.39 -19.25 -33.33
N TYR A 1000 16.16 -20.11 -33.99
CA TYR A 1000 17.60 -19.89 -34.06
C TYR A 1000 17.93 -18.58 -34.76
N LEU A 1001 17.25 -18.29 -35.87
CA LEU A 1001 17.50 -17.05 -36.60
C LEU A 1001 17.12 -15.83 -35.76
N ARG A 1002 15.98 -15.89 -35.06
CA ARG A 1002 15.57 -14.76 -34.22
C ARG A 1002 16.54 -14.55 -33.07
N ARG A 1003 17.02 -15.64 -32.46
CA ARG A 1003 18.00 -15.51 -31.39
C ARG A 1003 19.32 -14.93 -31.90
N ARG A 1004 19.76 -15.37 -33.08
CA ARG A 1004 21.06 -14.92 -33.59
C ARG A 1004 21.01 -13.47 -34.06
N PHE A 1005 19.97 -13.09 -34.80
CA PHE A 1005 19.96 -11.79 -35.46
C PHE A 1005 19.48 -10.69 -34.52
N SER A 1006 18.33 -10.88 -33.88
CA SER A 1006 17.73 -9.87 -32.99
C SER A 1006 17.48 -10.52 -31.64
N PRO A 1007 18.52 -10.67 -30.82
CA PRO A 1007 18.34 -11.34 -29.54
C PRO A 1007 17.49 -10.50 -28.60
N PRO A 1008 16.79 -11.12 -27.66
CA PRO A 1008 16.05 -10.34 -26.65
C PRO A 1008 17.00 -9.55 -25.77
N SER A 1009 16.46 -8.46 -25.21
CA SER A 1009 17.30 -7.54 -24.44
C SER A 1009 17.90 -8.21 -23.21
N TYR A 1010 17.25 -9.24 -22.67
CA TYR A 1010 17.75 -9.89 -21.48
C TYR A 1010 18.94 -10.80 -21.75
N SER A 1011 19.18 -11.17 -23.00
CA SER A 1011 20.31 -12.01 -23.34
C SER A 1011 21.61 -11.23 -23.52
N LYS A 1012 21.54 -9.91 -23.61
CA LYS A 1012 22.72 -9.07 -23.76
C LYS A 1012 23.27 -8.67 -22.40
MG MG B . 1.32 5.92 7.03
C P5S C . -12.04 -32.39 -24.03
N P5S C . -10.43 -34.02 -24.88
O P5S C . -12.55 -31.74 -23.14
C1 P5S C . -9.75 -32.23 -17.68
C2 P5S C . -9.26 -31.14 -18.61
C3 P5S C . -9.81 -31.38 -20.01
CA P5S C . -10.68 -32.99 -23.85
CB P5S C . -9.62 -31.90 -23.91
OG P5S C . -8.70 -32.06 -22.83
P12 P5S C . -8.21 -30.77 -22.01
O13 P5S C . -6.92 -31.05 -21.36
O15 P5S C . -8.03 -29.54 -23.04
O16 P5S C . -9.33 -30.40 -20.91
C17 P5S C . -10.38 -31.30 -15.45
O18 P5S C . -9.45 -30.55 -15.30
O19 P5S C . -10.75 -31.72 -16.80
C20 P5S C . -11.16 -31.82 -14.26
C21 P5S C . -11.12 -33.34 -14.27
C22 P5S C . -11.88 -33.91 -13.06
O37 P5S C . -7.83 -31.17 -18.66
C38 P5S C . -7.26 -30.31 -17.62
C39 P5S C . -6.14 -30.82 -16.75
C40 P5S C . -5.04 -29.76 -16.67
C41 P5S C . -4.04 -30.11 -15.59
C42 P5S C . -2.81 -29.21 -15.69
C43 P5S C . -1.76 -29.59 -14.65
C44 P5S C . -2.30 -29.37 -13.24
C45 P5S C . -1.20 -29.60 -12.20
C46 P5S C . -0.63 -31.01 -12.29
O47 P5S C . -7.72 -29.20 -17.46
C48 P5S C . 0.53 -31.20 -11.34
OXT P5S C . -12.69 -32.56 -25.17
C1 PCW D . 8.27 -24.20 -6.50
C2 PCW D . 6.90 -24.76 -6.87
C3 PCW D . 7.09 -25.74 -8.01
C4 PCW D . 13.03 -25.07 -6.77
C5 PCW D . 14.08 -25.85 -5.98
C6 PCW D . 15.24 -26.60 -7.95
C7 PCW D . 15.52 -27.76 -5.88
C8 PCW D . 13.46 -27.93 -7.06
C11 PCW D . 5.97 -27.40 -9.39
C12 PCW D . 4.89 -27.69 -10.41
C13 PCW D . 5.57 -28.44 -11.55
C14 PCW D . 4.55 -28.96 -12.55
C15 PCW D . 5.26 -29.60 -13.73
C16 PCW D . 6.06 -30.81 -13.30
C17 PCW D . 5.51 -32.07 -13.94
C18 PCW D . 5.93 -33.30 -13.14
C19 PCW D . 5.48 -34.53 -13.88
C20 PCW D . 5.45 -35.71 -13.26
C21 PCW D . 5.84 -35.81 -11.80
C31 PCW D . 4.90 -25.28 -5.68
C32 PCW D . 4.07 -26.33 -4.98
C33 PCW D . 2.60 -26.16 -5.34
C34 PCW D . 1.81 -25.69 -4.11
C35 PCW D . 0.43 -26.31 -4.09
C36 PCW D . -0.34 -25.82 -2.87
C37 PCW D . -1.81 -26.22 -2.97
C38 PCW D . -2.68 -25.31 -2.11
C39 PCW D . -4.12 -25.63 -2.37
N PCW D . 14.56 -27.02 -6.72
O2 PCW D . 6.34 -25.45 -5.75
O3 PCW D . 5.86 -26.32 -8.45
O11 PCW D . 6.97 -28.10 -9.36
O31 PCW D . 4.38 -24.29 -6.17
O1P PCW D . 10.44 -26.71 -8.08
O2P PCW D . 10.60 -24.12 -8.19
O3P PCW D . 9.17 -25.31 -6.45
O4P PCW D . 11.72 -25.45 -6.35
P PCW D . 10.49 -25.38 -7.36
C1 PCW E . 0.50 -20.76 3.07
C2 PCW E . -0.63 -21.45 2.31
C3 PCW E . -1.54 -20.45 1.61
C4 PCW E . 1.41 -15.84 4.35
C11 PCW E . -3.50 -21.76 0.79
C12 PCW E . -4.76 -21.35 0.05
C13 PCW E . -5.09 -22.35 -1.04
C14 PCW E . -6.33 -21.90 -1.81
C15 PCW E . -6.51 -22.67 -3.11
C16 PCW E . -7.18 -24.01 -2.88
C17 PCW E . -7.78 -24.53 -4.18
C18 PCW E . -8.22 -25.99 -4.05
C19 PCW E . -7.00 -26.87 -3.96
C31 PCW E . 0.31 -21.83 0.06
C32 PCW E . -0.15 -22.47 -1.22
C33 PCW E . -1.36 -21.76 -1.82
C34 PCW E . -0.94 -20.66 -2.77
C35 PCW E . -2.06 -20.36 -3.74
C36 PCW E . -3.31 -19.79 -3.09
C37 PCW E . -4.46 -19.78 -4.09
C38 PCW E . -3.98 -19.31 -5.46
C39 PCW E . -5.12 -19.25 -6.43
O2 PCW E . -0.13 -22.38 1.35
O3 PCW E . -2.90 -20.87 1.77
O11 PCW E . -3.01 -22.85 0.59
O31 PCW E . 1.07 -20.89 0.03
O1P PCW E . 2.67 -18.65 3.66
O2P PCW E . 0.82 -18.69 5.50
O3P PCW E . 0.30 -19.35 3.12
O4P PCW E . 0.82 -16.95 3.67
P PCW E . 1.23 -18.44 4.07
C1 CLR F . 20.31 -31.93 -22.54
C2 CLR F . 20.98 -30.57 -22.74
C3 CLR F . 21.06 -29.78 -21.43
C4 CLR F . 19.67 -29.59 -20.85
C5 CLR F . 18.63 -30.36 -21.64
C6 CLR F . 17.51 -29.71 -21.98
C7 CLR F . 16.50 -30.29 -22.94
C8 CLR F . 16.51 -31.80 -22.85
C9 CLR F . 17.92 -32.33 -23.04
C10 CLR F . 18.89 -31.80 -21.98
C11 CLR F . 17.93 -33.86 -23.10
C12 CLR F . 16.94 -34.44 -24.11
C13 CLR F . 15.55 -33.90 -23.85
C14 CLR F . 15.63 -32.39 -23.94
C15 CLR F . 14.20 -31.92 -24.01
C16 CLR F . 13.51 -33.01 -24.83
C17 CLR F . 14.45 -34.21 -24.87
C18 CLR F . 15.08 -34.31 -22.45
C19 CLR F . 18.77 -32.61 -20.69
C20 CLR F . 13.70 -35.51 -24.59
C21 CLR F . 14.43 -36.72 -25.15
C22 CLR F . 12.27 -35.44 -25.16
C23 CLR F . 12.23 -35.78 -26.64
C24 CLR F . 10.98 -35.21 -27.30
C25 CLR F . 10.45 -36.14 -28.37
C26 CLR F . 9.39 -35.45 -29.22
C27 CLR F . 11.56 -36.71 -29.25
O1 CLR F . 21.87 -30.52 -20.51
C1 PCW G . -19.46 -11.09 -21.19
C2 PCW G . -20.92 -10.82 -21.49
C3 PCW G . -21.06 -10.24 -22.90
C4 PCW G . -16.85 -8.19 -18.40
C5 PCW G . -17.67 -7.07 -17.77
C6 PCW G . -18.48 -6.50 -15.58
C7 PCW G . -19.89 -7.69 -17.11
C8 PCW G . -18.04 -8.78 -16.08
C11 PCW G . -19.87 -10.15 -25.07
C12 PCW G . -19.02 -10.83 -26.13
C13 PCW G . -19.37 -12.31 -26.20
C14 PCW G . -18.79 -12.95 -27.45
C15 PCW G . -19.58 -12.52 -28.68
C16 PCW G . -20.94 -13.22 -28.74
C17 PCW G . -21.79 -12.66 -29.88
C18 PCW G . -20.97 -12.51 -31.15
C19 PCW G . -20.76 -13.85 -31.79
C20 PCW G . -20.48 -13.93 -33.10
C21 PCW G . -20.35 -12.69 -33.94
C22 PCW G . -19.03 -12.74 -34.70
C23 PCW G . -18.74 -11.43 -35.41
C24 PCW G . -17.34 -11.45 -36.01
C25 PCW G . -16.29 -11.69 -34.94
C26 PCW G . -14.95 -12.11 -35.55
C27 PCW G . -13.93 -12.43 -34.47
C28 PCW G . -12.72 -13.11 -35.05
C31 PCW G . -21.59 -13.00 -22.38
C32 PCW G . -22.79 -13.40 -23.20
C33 PCW G . -22.29 -13.81 -24.58
C34 PCW G . -23.42 -14.34 -25.46
C35 PCW G . -23.89 -15.69 -24.93
C36 PCW G . -22.79 -16.72 -25.03
C37 PCW G . -22.92 -17.57 -26.28
C38 PCW G . -21.82 -18.63 -26.33
C39 PCW G . -22.05 -19.66 -25.26
C40 PCW G . -22.24 -20.94 -25.59
C41 PCW G . -22.21 -21.36 -27.04
C42 PCW G . -23.51 -22.08 -27.39
C43 PCW G . -23.97 -22.97 -26.24
C44 PCW G . -25.48 -22.88 -26.08
C45 PCW G . -25.91 -21.51 -25.58
C46 PCW G . -27.43 -21.40 -25.47
C47 PCW G . -27.99 -22.45 -24.52
C48 PCW G . -29.51 -22.46 -24.57
N PCW G . -18.52 -7.52 -16.64
O2 PCW G . -21.74 -11.99 -21.33
O3 PCW G . -20.05 -10.76 -23.76
O11 PCW G . -20.41 -9.09 -25.32
O31 PCW G . -20.52 -13.54 -22.57
O1P PCW G . -16.50 -8.73 -21.32
O2P PCW G . -16.78 -11.07 -20.21
O3P PCW G . -18.76 -9.85 -21.19
O4P PCW G . -17.74 -9.00 -19.15
P PCW G . -17.32 -9.71 -20.53
#